data_5U31
#
_entry.id   5U31
#
_cell.length_a   117.249
_cell.length_b   182.152
_cell.length_c   216.789
_cell.angle_alpha   90.00
_cell.angle_beta   90.00
_cell.angle_gamma   90.00
#
_symmetry.space_group_name_H-M   'I 2 2 2'
#
loop_
_entity.id
_entity.type
_entity.pdbx_description
1 polymer 'CRISPR-associated endonuclease C2c1'
2 polymer sgRNA
3 polymer 'Target DNA strand'
4 polymer 'Non-target DNA strand'
5 non-polymer 'SULFATE ION'
#
loop_
_entity_poly.entity_id
_entity_poly.type
_entity_poly.pdbx_seq_one_letter_code
_entity_poly.pdbx_strand_id
1 'polypeptide(L)'
;S(MSE)AVKSIKVKLRLDD(MSE)PEIRAGLWKLHKEVNAGVRYYTEWLSLLRQENLYRRSPNGDGEQECDKTAEECKAE
LLERLRARQVENGHRGPAGSDDELLQLARQLYELLVPQAIGAKGDAQQIARKFLSPLADKDAVGGLGIAKAGNKPRWVR
(MSE)REAGEPGWEEEKEKAETRKSADRTADVLRALADFGLKPL(MSE)RVYTDSE(MSE)SSVEWKPLRKGQAVRTWDR
D(MSE)FQQAIER(MSE)(MSE)SWESWNQRVGQEYAKLVEQKNRFEQKNFVGQEHLVHLVNQLQQD(MSE)KEASPGLE
SKEQTAHYVTGRALRGSDKVFEKWGKLAPDAPFDLYDAEIKNVQRRNTRRFGSHDLFAKLAEPEYQALWREDASFLTRYA
VYNSILRKLNHAK(MSE)FATFTLPDATAHPIWTRFDKLGGNLHQYTFLFNEFGERRHAIRFHKLLKVENGVAREVDDVT
VPIS(MSE)SEQLDNLLPRDPNEPIALYFRDYGAEQHFTGEFGGAKIQCRRDQLAH(MSE)HRRRGARDVYLNVSVRVQS
QSEARGERRPPYAAVFRLVGDNHRAFVHFDKLSDYLAEHPDDGKLGSEGLLSGLRV(MSE)SVALGLRTSASISVFRVAR
KDELKPNSKGRVPFFFPIKGNDNLVAVHERSQLLKLPGETESKDLRAIREERQRTLRQLRTQLAYLRLLVRCGSEDVGRR
ERSWAKLIEQPVDAANH(MSE)TPDWREAFENELQKLKSLHGICSDKEW(MSE)DAVYESVRRVWRH(MSE)GKQVRDWR
KDVRSGERPKIRGYAKDVVGGNSIEQIEYLERQYKFLKSWSFFGKVSGQVIRAEKGSRFAITLREHIDHAKEDRLKKLAD
RII(MSE)EALGYVYALDERGKGKWVAKYPPCQLILLAELSEYQFNNDRPPSENNQL(MSE)QWSHRGVFQELINQAQVH
DLLVGT(MSE)YAAFSSRFDARTGAPGIRCRRVPARCTQEHNPEPFPWWLNKFVVEHTLDACPLRADDLIPTGEGEIFVS
PFSAEEGDFHQIHAALNAAQNLQQRLWSDFDISQIRLRCDWGEVDGELVLIPRLTGKRTADSYSNKVFYTNTGVTYYERE
RGKKRRKVFAQEKLSEEEAELLVEADEAREKSVVL(MSE)RDPSGIINRGNWTRQKEFWS(MSE)VNQRIEGYLVKQIRS
RVPLQDSACENTGDI
;
A
2 'polyribonucleotide'
;GGUCUAGAGGACAGAAUUUUUCAACGGGUGUGCCAAUGGCCACUUUCCAGGUGGCAAAGCCCGUUGAGCUUCUCAAAUCU
GAGAAGUGGCACCAGAACCGGAGGACAAAGUC
;
B
3 'polydeoxyribonucleotide'
;(DG)(DA)(DC)(DT)(DT)(DT)(DG)(DT)(DC)(DC)(DT)(DC)(DC)(DG)(DG)(DT)(DT)(DC)(DT)(DG)
(DG)(DA)(DA)(DC)(DC)(DA)(DC)(DA)
;
C
4 'polydeoxyribonucleotide' (DT)(DG)(DT)(DG)(DG)(DT)(DT)(DC) D,E
#
# COMPACT_ATOMS: atom_id res chain seq x y z
N SER A 1 -18.13 -14.37 -1.61
CA SER A 1 -19.53 -14.00 -1.73
C SER A 1 -20.11 -13.59 -0.38
N ALA A 3 -19.02 -12.37 3.77
CA ALA A 3 -17.94 -11.76 4.53
C ALA A 3 -17.31 -12.78 5.47
N VAL A 4 -16.01 -13.01 5.33
CA VAL A 4 -15.26 -13.90 6.19
C VAL A 4 -14.37 -13.05 7.09
N LYS A 5 -14.41 -13.34 8.39
CA LYS A 5 -13.58 -12.63 9.36
C LYS A 5 -12.84 -13.64 10.22
N SER A 6 -11.61 -13.32 10.58
CA SER A 6 -10.80 -14.16 11.45
C SER A 6 -10.79 -13.58 12.84
N ILE A 7 -11.17 -14.38 13.82
CA ILE A 7 -11.05 -14.04 15.24
C ILE A 7 -10.02 -14.99 15.83
N LYS A 8 -8.83 -14.47 16.12
CA LYS A 8 -7.77 -15.30 16.68
C LYS A 8 -7.99 -15.46 18.17
N VAL A 9 -7.83 -16.68 18.66
CA VAL A 9 -8.20 -17.06 20.01
C VAL A 9 -6.98 -17.73 20.63
N LYS A 10 -6.74 -17.47 21.90
CA LYS A 10 -5.60 -18.04 22.61
C LYS A 10 -6.06 -19.16 23.55
N LEU A 11 -5.34 -20.27 23.53
CA LEU A 11 -5.69 -21.42 24.34
C LEU A 11 -4.99 -21.35 25.69
N ARG A 12 -5.76 -21.52 26.77
CA ARG A 12 -5.20 -21.65 28.12
C ARG A 12 -4.67 -23.06 28.28
N LEU A 13 -3.36 -23.24 28.11
CA LEU A 13 -2.74 -24.56 28.19
C LEU A 13 -1.85 -24.70 29.40
N ASP A 14 -2.05 -23.87 30.41
CA ASP A 14 -1.19 -23.90 31.60
C ASP A 14 -1.39 -25.19 32.38
N ASP A 15 -2.64 -25.62 32.53
CA ASP A 15 -2.97 -26.78 33.35
C ASP A 15 -2.87 -28.10 32.60
N PRO A 17 -0.09 -29.53 29.98
CA PRO A 17 1.07 -29.48 29.07
C PRO A 17 1.11 -30.61 28.08
N GLU A 18 0.52 -31.76 28.41
CA GLU A 18 0.54 -32.89 27.50
C GLU A 18 -0.18 -32.55 26.19
N ILE A 19 -1.16 -31.65 26.23
CA ILE A 19 -1.84 -31.24 25.02
C ILE A 19 -1.06 -30.14 24.30
N ARG A 20 -0.38 -29.27 25.04
CA ARG A 20 0.44 -28.24 24.41
C ARG A 20 1.55 -28.87 23.58
N ALA A 21 2.25 -29.85 24.14
CA ALA A 21 3.26 -30.57 23.37
C ALA A 21 2.62 -31.36 22.23
N GLY A 22 1.36 -31.78 22.40
CA GLY A 22 0.68 -32.45 21.30
C GLY A 22 0.35 -31.51 20.17
N LEU A 23 -0.10 -30.29 20.50
CA LEU A 23 -0.34 -29.29 19.48
C LEU A 23 0.94 -28.93 18.74
N TRP A 24 2.05 -28.83 19.47
CA TRP A 24 3.32 -28.53 18.81
C TRP A 24 3.77 -29.69 17.95
N LYS A 25 3.66 -30.92 18.47
CA LYS A 25 4.00 -32.08 17.66
C LYS A 25 3.13 -32.15 16.41
N LEU A 26 1.83 -31.88 16.56
CA LEU A 26 0.94 -31.87 15.42
C LEU A 26 1.36 -30.81 14.40
N HIS A 27 1.90 -29.69 14.89
CA HIS A 27 2.38 -28.65 13.98
C HIS A 27 3.58 -29.14 13.17
N LYS A 28 4.54 -29.81 13.81
CA LYS A 28 5.69 -30.33 13.09
C LYS A 28 5.29 -31.42 12.11
N GLU A 29 4.26 -32.21 12.46
CA GLU A 29 3.82 -33.29 11.59
C GLU A 29 3.18 -32.76 10.32
N VAL A 30 2.27 -31.81 10.45
CA VAL A 30 1.58 -31.27 9.29
C VAL A 30 2.54 -30.54 8.38
N ASN A 31 3.54 -29.87 8.95
CA ASN A 31 4.57 -29.25 8.11
C ASN A 31 5.41 -30.30 7.42
N ALA A 32 5.80 -31.37 8.12
CA ALA A 32 6.56 -32.43 7.48
C ALA A 32 5.75 -33.09 6.39
N GLY A 33 4.47 -33.32 6.65
CA GLY A 33 3.62 -33.94 5.64
C GLY A 33 3.49 -33.10 4.40
N VAL A 34 3.24 -31.79 4.58
CA VAL A 34 3.13 -30.90 3.43
C VAL A 34 4.44 -30.84 2.67
N ARG A 35 5.57 -30.78 3.39
CA ARG A 35 6.86 -30.77 2.72
C ARG A 35 7.08 -32.05 1.92
N TYR A 36 6.66 -33.19 2.47
CA TYR A 36 6.83 -34.46 1.78
C TYR A 36 6.09 -34.47 0.45
N TYR A 37 4.82 -34.06 0.45
CA TYR A 37 4.04 -34.08 -0.79
C TYR A 37 4.49 -32.97 -1.74
N THR A 38 4.82 -31.81 -1.21
CA THR A 38 5.31 -30.73 -2.06
C THR A 38 6.61 -31.14 -2.77
N GLU A 39 7.54 -31.72 -2.03
CA GLU A 39 8.76 -32.22 -2.66
C GLU A 39 8.46 -33.26 -3.72
N TRP A 40 7.44 -34.09 -3.51
CA TRP A 40 7.03 -35.05 -4.54
C TRP A 40 6.55 -34.33 -5.80
N LEU A 41 5.68 -33.34 -5.62
CA LEU A 41 5.17 -32.57 -6.75
C LEU A 41 6.31 -31.94 -7.55
N SER A 42 7.33 -31.44 -6.87
CA SER A 42 8.44 -30.77 -7.57
C SER A 42 9.22 -31.76 -8.43
N LEU A 43 9.30 -33.03 -8.01
CA LEU A 43 9.99 -34.01 -8.84
C LEU A 43 9.16 -34.39 -10.05
N LEU A 44 7.85 -34.56 -9.87
CA LEU A 44 6.99 -34.84 -11.03
C LEU A 44 7.10 -33.73 -12.06
N ARG A 45 7.29 -32.49 -11.61
CA ARG A 45 7.39 -31.34 -12.50
C ARG A 45 8.60 -31.43 -13.42
N GLN A 46 9.68 -32.03 -12.92
CA GLN A 46 10.98 -32.20 -13.62
C GLN A 46 11.33 -31.00 -14.48
N GLU A 47 11.30 -29.82 -13.85
CA GLU A 47 11.88 -28.61 -14.40
C GLU A 47 12.79 -28.00 -13.35
N ASN A 48 13.52 -26.96 -13.74
CA ASN A 48 14.44 -26.31 -12.82
C ASN A 48 13.69 -25.68 -11.64
N LEU A 49 14.29 -25.79 -10.46
CA LEU A 49 13.85 -25.11 -9.25
C LEU A 49 14.87 -24.03 -8.91
N TYR A 50 14.40 -22.82 -8.61
CA TYR A 50 15.29 -21.73 -8.24
C TYR A 50 15.06 -21.32 -6.79
N ARG A 51 16.13 -20.93 -6.11
CA ARG A 51 16.08 -20.54 -4.71
C ARG A 51 16.66 -19.15 -4.52
N ARG A 52 16.49 -18.62 -3.31
CA ARG A 52 17.06 -17.32 -2.96
C ARG A 52 18.58 -17.40 -2.94
N SER A 53 19.21 -16.45 -3.62
CA SER A 53 20.67 -16.42 -3.69
C SER A 53 21.26 -15.95 -2.37
N PRO A 54 22.11 -16.73 -1.72
CA PRO A 54 22.87 -16.22 -0.59
C PRO A 54 24.07 -15.42 -1.08
N ASN A 55 24.77 -14.80 -0.12
CA ASN A 55 25.95 -13.98 -0.40
C ASN A 55 25.61 -12.86 -1.38
N GLY A 56 24.43 -12.27 -1.23
CA GLY A 56 23.97 -11.23 -2.12
C GLY A 56 22.51 -11.40 -2.50
N ASP A 57 21.65 -10.54 -1.97
CA ASP A 57 20.21 -10.60 -2.23
C ASP A 57 19.91 -9.84 -3.52
N GLY A 58 19.25 -10.53 -4.46
CA GLY A 58 18.92 -9.92 -5.73
C GLY A 58 18.61 -10.98 -6.78
N GLU A 59 19.65 -11.55 -7.38
CA GLU A 59 19.47 -12.61 -8.36
C GLU A 59 19.07 -13.91 -7.66
N GLN A 60 18.94 -14.97 -8.45
CA GLN A 60 18.54 -16.27 -7.94
C GLN A 60 19.40 -17.34 -8.59
N GLU A 61 19.57 -18.45 -7.87
CA GLU A 61 20.40 -19.56 -8.29
C GLU A 61 19.52 -20.76 -8.67
N CYS A 62 20.15 -21.82 -9.13
CA CYS A 62 19.45 -23.06 -9.45
C CYS A 62 19.70 -24.05 -8.32
N ASP A 63 18.72 -24.17 -7.42
CA ASP A 63 18.83 -25.13 -6.31
C ASP A 63 18.87 -26.55 -6.82
N LYS A 64 18.04 -26.86 -7.83
CA LYS A 64 17.93 -28.22 -8.35
C LYS A 64 17.58 -28.11 -9.82
N THR A 65 18.37 -28.73 -10.68
CA THR A 65 18.16 -28.60 -12.11
C THR A 65 17.20 -29.67 -12.61
N ALA A 66 16.80 -29.54 -13.88
CA ALA A 66 15.85 -30.49 -14.46
C ALA A 66 16.41 -31.90 -14.42
N GLU A 67 17.65 -32.09 -14.87
CA GLU A 67 18.24 -33.41 -14.85
C GLU A 67 18.33 -33.95 -13.43
N GLU A 68 18.67 -33.08 -12.47
CA GLU A 68 18.67 -33.47 -11.07
C GLU A 68 17.29 -33.97 -10.64
N CYS A 69 16.23 -33.32 -11.12
CA CYS A 69 14.87 -33.75 -10.79
C CYS A 69 14.55 -35.10 -11.41
N LYS A 70 14.73 -35.20 -12.73
CA LYS A 70 14.41 -36.45 -13.41
C LYS A 70 15.21 -37.62 -12.83
N ALA A 71 16.50 -37.40 -12.56
CA ALA A 71 17.34 -38.46 -12.00
C ALA A 71 16.83 -38.88 -10.63
N GLU A 72 16.41 -37.92 -9.81
CA GLU A 72 15.87 -38.25 -8.50
C GLU A 72 14.47 -38.82 -8.60
N LEU A 73 13.68 -38.30 -9.54
CA LEU A 73 12.35 -38.85 -9.76
C LEU A 73 12.43 -40.33 -10.11
N LEU A 74 13.26 -40.68 -11.08
CA LEU A 74 13.38 -42.06 -11.50
C LEU A 74 13.86 -42.95 -10.37
N GLU A 75 14.78 -42.45 -9.54
CA GLU A 75 15.23 -43.21 -8.38
C GLU A 75 14.06 -43.57 -7.47
N ARG A 76 13.14 -42.64 -7.25
CA ARG A 76 11.96 -42.93 -6.44
C ARG A 76 11.02 -43.90 -7.16
N LEU A 77 10.80 -43.69 -8.45
CA LEU A 77 9.86 -44.54 -9.17
C LEU A 77 10.36 -45.97 -9.26
N ARG A 78 11.65 -46.15 -9.57
CA ARG A 78 12.19 -47.50 -9.68
C ARG A 78 12.14 -48.21 -8.33
N ALA A 79 12.48 -47.49 -7.26
CA ALA A 79 12.44 -48.07 -5.93
C ALA A 79 11.01 -48.38 -5.51
N ARG A 80 10.04 -47.58 -5.98
CA ARG A 80 8.64 -47.86 -5.67
C ARG A 80 8.16 -49.12 -6.41
N GLN A 81 8.56 -49.29 -7.67
CA GLN A 81 8.21 -50.51 -8.37
C GLN A 81 8.71 -51.73 -7.62
N VAL A 82 9.92 -51.64 -7.05
CA VAL A 82 10.47 -52.74 -6.25
C VAL A 82 9.65 -52.94 -4.98
N GLU A 83 9.25 -51.84 -4.34
CA GLU A 83 8.48 -51.94 -3.11
C GLU A 83 7.09 -52.53 -3.36
N ASN A 84 6.46 -52.15 -4.47
CA ASN A 84 5.18 -52.71 -4.84
C ASN A 84 5.28 -54.11 -5.42
N GLY A 85 6.49 -54.68 -5.48
CA GLY A 85 6.67 -56.03 -6.00
C GLY A 85 6.21 -56.19 -7.43
N HIS A 86 6.53 -55.23 -8.28
CA HIS A 86 6.02 -55.21 -9.64
C HIS A 86 6.70 -56.28 -10.48
N ARG A 87 5.91 -57.18 -11.06
CA ARG A 87 6.43 -58.21 -11.95
C ARG A 87 6.11 -57.93 -13.41
N GLY A 88 5.32 -56.89 -13.69
CA GLY A 88 4.98 -56.53 -15.05
C GLY A 88 6.02 -55.64 -15.69
N PRO A 89 5.64 -54.92 -16.74
CA PRO A 89 6.61 -54.07 -17.45
C PRO A 89 7.08 -52.92 -16.57
N ALA A 90 8.38 -52.66 -16.60
CA ALA A 90 8.94 -51.61 -15.78
C ALA A 90 8.88 -50.25 -16.45
N GLY A 91 8.77 -50.21 -17.79
CA GLY A 91 8.72 -48.96 -18.51
C GLY A 91 10.08 -48.31 -18.69
N SER A 92 10.32 -47.71 -19.83
CA SER A 92 11.58 -47.03 -20.04
C SER A 92 11.61 -45.75 -19.19
N ASP A 93 12.82 -45.21 -19.02
CA ASP A 93 12.97 -43.94 -18.31
C ASP A 93 12.08 -42.87 -18.92
N ASP A 94 12.06 -42.77 -20.24
CA ASP A 94 11.28 -41.71 -20.88
C ASP A 94 9.78 -41.93 -20.69
N GLU A 95 9.32 -43.18 -20.77
CA GLU A 95 7.90 -43.45 -20.52
C GLU A 95 7.50 -43.01 -19.12
N LEU A 96 8.30 -43.38 -18.12
CA LEU A 96 7.99 -43.03 -16.74
C LEU A 96 8.05 -41.52 -16.51
N LEU A 97 9.02 -40.85 -17.13
CA LEU A 97 9.10 -39.40 -17.00
C LEU A 97 7.90 -38.71 -17.63
N GLN A 98 7.45 -39.18 -18.79
CA GLN A 98 6.28 -38.59 -19.43
C GLN A 98 5.02 -38.84 -18.60
N LEU A 99 4.87 -40.04 -18.04
CA LEU A 99 3.73 -40.32 -17.18
C LEU A 99 3.71 -39.40 -15.98
N ALA A 100 4.86 -39.28 -15.29
CA ALA A 100 4.93 -38.43 -14.11
C ALA A 100 4.56 -36.99 -14.45
N ARG A 101 5.07 -36.50 -15.58
CA ARG A 101 4.75 -35.13 -15.97
C ARG A 101 3.27 -34.98 -16.30
N GLN A 102 2.68 -35.98 -16.97
CA GLN A 102 1.24 -35.96 -17.19
C GLN A 102 0.50 -35.85 -15.88
N LEU A 103 0.85 -36.71 -14.92
CA LEU A 103 0.24 -36.64 -13.59
C LEU A 103 0.40 -35.25 -12.99
N TYR A 104 1.59 -34.67 -13.09
CA TYR A 104 1.83 -33.37 -12.49
C TYR A 104 0.90 -32.31 -13.08
N GLU A 105 0.69 -32.35 -14.39
CA GLU A 105 -0.19 -31.37 -15.01
C GLU A 105 -1.66 -31.59 -14.66
N LEU A 106 -2.00 -32.79 -14.16
CA LEU A 106 -3.35 -33.00 -13.62
C LEU A 106 -3.47 -32.50 -12.19
N LEU A 107 -2.38 -32.62 -11.42
CA LEU A 107 -2.40 -32.17 -10.03
C LEU A 107 -2.26 -30.65 -9.92
N VAL A 108 -1.53 -30.02 -10.84
CA VAL A 108 -1.32 -28.58 -10.80
C VAL A 108 -1.59 -28.04 -12.20
N PRO A 109 -2.85 -27.92 -12.61
CA PRO A 109 -3.13 -27.48 -14.00
C PRO A 109 -2.55 -26.13 -14.34
N GLN A 110 -2.17 -25.33 -13.34
CA GLN A 110 -1.54 -24.05 -13.58
C GLN A 110 -0.18 -24.19 -14.27
N ALA A 111 0.43 -25.38 -14.24
CA ALA A 111 1.72 -25.57 -14.86
C ALA A 111 1.64 -25.38 -16.38
N ILE A 112 0.52 -25.80 -16.99
CA ILE A 112 0.32 -25.58 -18.42
C ILE A 112 -0.59 -24.41 -18.70
N GLY A 113 -1.07 -23.70 -17.69
CA GLY A 113 -1.90 -22.54 -17.90
C GLY A 113 -3.37 -22.74 -17.67
N ALA A 114 -3.80 -23.92 -17.23
CA ALA A 114 -5.20 -24.19 -16.96
C ALA A 114 -5.57 -23.77 -15.53
N LYS A 115 -6.85 -23.91 -15.21
CA LYS A 115 -7.36 -23.61 -13.88
C LYS A 115 -7.45 -24.88 -13.05
N GLY A 116 -7.40 -24.73 -11.73
CA GLY A 116 -7.44 -25.88 -10.85
C GLY A 116 -8.08 -25.58 -9.50
N ASP A 117 -8.87 -26.53 -9.00
CA ASP A 117 -9.48 -26.43 -7.68
C ASP A 117 -8.64 -27.27 -6.72
N ALA A 118 -7.86 -26.61 -5.87
CA ALA A 118 -7.03 -27.33 -4.91
C ALA A 118 -7.87 -28.25 -4.02
N GLN A 119 -9.10 -27.86 -3.70
CA GLN A 119 -9.96 -28.73 -2.90
C GLN A 119 -10.22 -30.05 -3.61
N GLN A 120 -10.70 -29.99 -4.85
CA GLN A 120 -11.18 -31.20 -5.52
C GLN A 120 -10.07 -31.98 -6.18
N ILE A 121 -8.91 -31.37 -6.45
CA ILE A 121 -7.79 -32.13 -7.00
C ILE A 121 -7.16 -33.00 -5.91
N ALA A 122 -6.98 -32.43 -4.72
CA ALA A 122 -6.43 -33.22 -3.62
C ALA A 122 -7.37 -34.34 -3.20
N ARG A 123 -8.67 -34.08 -3.16
CA ARG A 123 -9.63 -35.15 -2.87
C ARG A 123 -9.59 -36.24 -3.92
N LYS A 124 -9.35 -35.86 -5.18
CA LYS A 124 -9.51 -36.82 -6.26
C LYS A 124 -8.35 -37.80 -6.31
N PHE A 125 -7.16 -37.36 -5.90
CA PHE A 125 -5.94 -38.09 -6.21
C PHE A 125 -5.23 -38.72 -5.03
N LEU A 126 -5.42 -38.22 -3.80
CA LEU A 126 -4.62 -38.71 -2.69
C LEU A 126 -4.78 -40.21 -2.52
N SER A 127 -6.02 -40.70 -2.52
CA SER A 127 -6.23 -42.14 -2.38
C SER A 127 -5.75 -42.91 -3.60
N PRO A 128 -6.12 -42.56 -4.84
CA PRO A 128 -5.57 -43.29 -5.99
C PRO A 128 -4.05 -43.25 -6.06
N LEU A 129 -3.39 -42.24 -5.50
CA LEU A 129 -1.94 -42.17 -5.54
C LEU A 129 -1.28 -42.76 -4.29
N ALA A 130 -2.02 -42.99 -3.21
CA ALA A 130 -1.41 -43.50 -2.00
C ALA A 130 -2.09 -44.73 -1.42
N ASP A 131 -3.32 -45.04 -1.82
CA ASP A 131 -4.03 -46.20 -1.32
C ASP A 131 -3.75 -47.38 -2.23
N LYS A 132 -3.22 -48.46 -1.65
CA LYS A 132 -2.92 -49.67 -2.44
C LYS A 132 -4.15 -50.19 -3.16
N ASP A 133 -5.33 -50.06 -2.56
CA ASP A 133 -6.54 -50.66 -3.10
C ASP A 133 -7.55 -49.62 -3.58
N ALA A 134 -7.09 -48.41 -3.91
CA ALA A 134 -8.01 -47.35 -4.27
C ALA A 134 -8.62 -47.60 -5.64
N VAL A 135 -9.88 -47.20 -5.78
CA VAL A 135 -10.63 -47.29 -7.02
C VAL A 135 -11.08 -45.93 -7.52
N GLY A 136 -10.74 -44.87 -6.81
CA GLY A 136 -11.11 -43.54 -7.25
C GLY A 136 -10.36 -43.09 -8.49
N GLY A 137 -10.90 -42.05 -9.12
CA GLY A 137 -10.41 -41.49 -10.37
C GLY A 137 -10.83 -42.28 -11.59
N LEU A 138 -10.98 -43.60 -11.44
CA LEU A 138 -11.50 -44.43 -12.50
C LEU A 138 -12.99 -44.18 -12.63
N GLY A 139 -13.72 -45.08 -13.28
CA GLY A 139 -15.15 -44.89 -13.38
C GLY A 139 -15.94 -46.01 -12.75
N ILE A 140 -15.36 -46.62 -11.71
CA ILE A 140 -15.93 -47.80 -11.10
C ILE A 140 -16.83 -47.45 -9.91
N ALA A 141 -16.39 -46.51 -9.07
CA ALA A 141 -17.09 -46.25 -7.82
C ALA A 141 -18.50 -45.74 -8.08
N LYS A 142 -19.43 -46.20 -7.26
CA LYS A 142 -20.83 -45.78 -7.28
C LYS A 142 -21.13 -44.69 -6.27
N ALA A 143 -20.23 -44.43 -5.33
CA ALA A 143 -20.43 -43.43 -4.29
C ALA A 143 -20.07 -42.04 -4.81
N GLY A 144 -20.07 -41.06 -3.91
CA GLY A 144 -19.81 -39.68 -4.25
C GLY A 144 -21.08 -38.86 -4.44
N ASN A 145 -20.89 -37.55 -4.49
CA ASN A 145 -22.02 -36.64 -4.69
C ASN A 145 -22.57 -36.79 -6.09
N LYS A 146 -23.89 -36.72 -6.20
CA LYS A 146 -24.53 -36.93 -7.49
C LYS A 146 -24.18 -35.81 -8.46
N PRO A 147 -24.03 -36.14 -9.75
CA PRO A 147 -23.75 -35.10 -10.76
C PRO A 147 -24.87 -34.07 -10.83
N ARG A 148 -24.53 -32.90 -11.38
CA ARG A 148 -25.49 -31.80 -11.43
C ARG A 148 -26.71 -32.15 -12.26
N TRP A 149 -26.55 -32.95 -13.31
CA TRP A 149 -27.71 -33.32 -14.11
C TRP A 149 -28.62 -34.30 -13.37
N VAL A 150 -28.07 -35.05 -12.41
CA VAL A 150 -28.91 -35.94 -11.60
C VAL A 150 -29.73 -35.13 -10.61
N ARG A 151 -29.17 -34.03 -10.08
CA ARG A 151 -29.92 -33.18 -9.18
C ARG A 151 -31.05 -32.46 -9.90
N ARG A 153 -32.48 -33.62 -12.69
CA ARG A 153 -33.41 -34.67 -13.10
C ARG A 153 -34.38 -35.05 -11.98
N GLU A 154 -33.94 -34.98 -10.73
CA GLU A 154 -34.84 -35.26 -9.62
C GLU A 154 -35.69 -34.06 -9.25
N ALA A 155 -35.19 -32.84 -9.45
CA ALA A 155 -35.94 -31.62 -9.18
C ALA A 155 -35.25 -30.41 -9.80
N GLY A 156 -35.90 -29.78 -10.79
CA GLY A 156 -35.35 -28.60 -11.42
C GLY A 156 -35.04 -28.80 -12.90
N GLU A 157 -35.78 -29.69 -13.54
CA GLU A 157 -35.57 -30.05 -14.93
C GLU A 157 -35.78 -28.86 -15.87
N TRP A 160 -31.47 -30.61 -17.86
CA TRP A 160 -31.20 -32.03 -17.99
C TRP A 160 -30.52 -32.35 -19.31
N GLU A 161 -31.15 -31.98 -20.43
CA GLU A 161 -30.66 -32.38 -21.74
C GLU A 161 -29.23 -31.90 -21.97
N GLU A 162 -28.97 -30.61 -21.77
CA GLU A 162 -27.63 -30.07 -22.00
C GLU A 162 -26.66 -30.46 -20.89
N GLU A 163 -27.15 -30.66 -19.67
CA GLU A 163 -26.26 -30.90 -18.54
C GLU A 163 -25.78 -32.34 -18.47
N LYS A 164 -26.53 -33.30 -19.01
CA LYS A 164 -25.99 -34.64 -19.14
C LYS A 164 -25.00 -34.74 -20.28
N GLU A 165 -25.13 -33.87 -21.28
CA GLU A 165 -24.14 -33.81 -22.36
C GLU A 165 -22.80 -33.29 -21.85
N LYS A 166 -22.83 -32.24 -21.01
CA LYS A 166 -21.59 -31.65 -20.53
C LYS A 166 -20.79 -32.60 -19.65
N ALA A 167 -21.47 -33.57 -19.01
CA ALA A 167 -20.76 -34.56 -18.21
C ALA A 167 -19.91 -35.47 -19.09
N GLU A 168 -20.48 -35.96 -20.19
CA GLU A 168 -19.75 -36.89 -21.06
C GLU A 168 -18.64 -36.17 -21.82
N THR A 169 -18.93 -34.99 -22.38
CA THR A 169 -17.91 -34.28 -23.16
C THR A 169 -16.78 -33.76 -22.29
N ARG A 170 -17.00 -33.59 -20.98
CA ARG A 170 -15.91 -33.28 -20.07
C ARG A 170 -15.19 -34.55 -19.62
N LYS A 171 -15.92 -35.67 -19.51
CA LYS A 171 -15.30 -36.94 -19.16
C LYS A 171 -14.41 -37.46 -20.28
N SER A 172 -14.71 -37.11 -21.53
CA SER A 172 -13.88 -37.55 -22.64
C SER A 172 -12.49 -36.92 -22.59
N ALA A 173 -12.42 -35.64 -22.23
CA ALA A 173 -11.15 -34.94 -22.08
C ALA A 173 -10.53 -35.14 -20.71
N ASP A 174 -10.94 -36.17 -19.97
CA ASP A 174 -10.43 -36.44 -18.64
C ASP A 174 -9.46 -37.61 -18.74
N ARG A 175 -8.16 -37.29 -18.69
CA ARG A 175 -7.10 -38.29 -18.77
C ARG A 175 -6.73 -38.88 -17.42
N THR A 176 -7.50 -38.57 -16.38
CA THR A 176 -7.19 -39.12 -15.05
C THR A 176 -7.20 -40.65 -15.07
N ALA A 177 -8.27 -41.24 -15.63
CA ALA A 177 -8.40 -42.69 -15.59
C ALA A 177 -7.28 -43.37 -16.37
N ASP A 178 -6.85 -42.76 -17.46
CA ASP A 178 -5.78 -43.38 -18.25
C ASP A 178 -4.43 -43.25 -17.54
N VAL A 179 -4.13 -42.08 -16.97
CA VAL A 179 -2.89 -41.92 -16.23
C VAL A 179 -2.85 -42.88 -15.05
N LEU A 180 -3.96 -43.00 -14.32
CA LEU A 180 -4.01 -43.93 -13.19
C LEU A 180 -3.76 -45.36 -13.65
N ARG A 181 -4.45 -45.78 -14.72
CA ARG A 181 -4.25 -47.13 -15.21
C ARG A 181 -2.83 -47.33 -15.73
N ALA A 182 -2.25 -46.30 -16.34
CA ALA A 182 -0.86 -46.40 -16.76
C ALA A 182 0.05 -46.58 -15.55
N LEU A 183 -0.11 -45.73 -14.53
CA LEU A 183 0.64 -45.90 -13.29
C LEU A 183 0.50 -47.32 -12.75
N ALA A 184 -0.72 -47.86 -12.77
CA ALA A 184 -0.94 -49.21 -12.25
C ALA A 184 -0.14 -50.24 -13.05
N ASP A 185 -0.15 -50.14 -14.38
CA ASP A 185 0.55 -51.12 -15.20
C ASP A 185 2.06 -51.06 -14.99
N PHE A 186 2.57 -49.92 -14.53
CA PHE A 186 3.99 -49.76 -14.27
C PHE A 186 4.36 -50.05 -12.82
N GLY A 187 3.47 -50.71 -12.08
CA GLY A 187 3.76 -51.04 -10.70
C GLY A 187 3.79 -49.86 -9.75
N LEU A 188 3.26 -48.71 -10.15
CA LEU A 188 3.20 -47.52 -9.30
C LEU A 188 1.80 -47.30 -8.74
N LYS A 189 1.06 -48.38 -8.47
CA LYS A 189 -0.31 -48.23 -8.00
C LYS A 189 -0.38 -47.45 -6.71
N PRO A 190 0.45 -47.71 -5.70
CA PRO A 190 0.76 -46.64 -4.76
C PRO A 190 1.97 -45.88 -5.29
N LEU A 191 1.77 -44.63 -5.70
CA LEU A 191 2.90 -43.80 -6.09
C LEU A 191 3.61 -43.27 -4.85
N ARG A 193 3.46 -42.24 -0.39
CA ARG A 193 3.11 -42.84 0.89
C ARG A 193 2.03 -42.02 1.56
N VAL A 194 1.26 -42.68 2.41
CA VAL A 194 0.40 -41.98 3.36
C VAL A 194 1.29 -41.55 4.52
N TYR A 195 1.49 -40.24 4.65
CA TYR A 195 2.46 -39.71 5.61
C TYR A 195 2.24 -40.26 7.01
N THR A 196 0.99 -40.24 7.48
CA THR A 196 0.74 -40.73 8.83
C THR A 196 1.04 -42.21 8.94
N ASP A 197 0.79 -42.98 7.88
CA ASP A 197 1.05 -44.42 7.89
C ASP A 197 2.37 -44.72 7.18
N SER A 198 3.44 -44.12 7.68
CA SER A 198 4.75 -44.28 7.06
C SER A 198 5.84 -44.02 8.10
N GLU A 199 7.04 -44.52 7.82
CA GLU A 199 8.14 -44.40 8.77
C GLU A 199 8.51 -42.96 9.08
N SER A 201 6.66 -40.51 10.38
CA SER A 201 6.03 -40.01 11.60
C SER A 201 6.19 -41.03 12.72
N SER A 202 6.51 -40.53 13.90
CA SER A 202 6.65 -41.36 15.10
C SER A 202 5.42 -41.30 15.99
N VAL A 203 4.36 -40.64 15.54
CA VAL A 203 3.14 -40.51 16.33
C VAL A 203 2.37 -41.83 16.29
N GLU A 204 1.93 -42.31 17.45
CA GLU A 204 1.10 -43.51 17.54
C GLU A 204 -0.34 -43.12 17.21
N TRP A 205 -0.63 -43.09 15.91
CA TRP A 205 -1.96 -42.71 15.47
C TRP A 205 -2.97 -43.78 15.84
N LYS A 206 -4.24 -43.39 15.90
CA LYS A 206 -5.31 -44.36 16.05
C LYS A 206 -5.21 -45.39 14.92
N PRO A 207 -5.40 -46.68 15.21
CA PRO A 207 -5.25 -47.70 14.17
C PRO A 207 -6.23 -47.48 13.03
N LEU A 208 -5.79 -47.86 11.83
CA LEU A 208 -6.63 -47.69 10.65
C LEU A 208 -7.80 -48.66 10.67
N ARG A 209 -8.99 -48.17 10.32
CA ARG A 209 -10.15 -49.03 10.18
C ARG A 209 -9.95 -50.00 9.03
N LYS A 210 -10.91 -50.92 8.88
CA LYS A 210 -10.92 -51.77 7.70
C LYS A 210 -11.29 -50.93 6.48
N GLY A 211 -10.53 -51.13 5.39
CA GLY A 211 -10.75 -50.37 4.19
C GLY A 211 -10.28 -48.94 4.24
N GLN A 212 -9.42 -48.60 5.20
CA GLN A 212 -8.86 -47.26 5.32
C GLN A 212 -7.36 -47.30 5.16
N ALA A 213 -6.84 -46.34 4.40
CA ALA A 213 -5.40 -46.14 4.30
C ALA A 213 -4.96 -44.72 4.60
N VAL A 214 -5.86 -43.73 4.51
CA VAL A 214 -5.53 -42.33 4.63
C VAL A 214 -6.27 -41.75 5.84
N ARG A 215 -5.57 -40.95 6.63
CA ARG A 215 -6.16 -40.23 7.75
C ARG A 215 -6.47 -38.80 7.36
N THR A 216 -7.42 -38.20 8.08
CA THR A 216 -7.81 -36.81 7.79
C THR A 216 -6.61 -35.87 7.85
N TRP A 217 -5.63 -36.19 8.70
CA TRP A 217 -4.43 -35.36 8.76
C TRP A 217 -3.70 -35.37 7.43
N ASP A 218 -3.66 -36.53 6.76
CA ASP A 218 -3.03 -36.61 5.44
C ASP A 218 -3.79 -35.81 4.40
N ARG A 219 -5.13 -35.79 4.51
CA ARG A 219 -5.91 -35.07 3.52
C ARG A 219 -5.73 -33.56 3.64
N ASP A 220 -5.53 -33.08 4.87
CA ASP A 220 -5.14 -31.68 5.07
C ASP A 220 -3.77 -31.40 4.48
N PHE A 222 -2.15 -32.88 2.14
CA PHE A 222 -2.05 -32.97 0.69
C PHE A 222 -2.67 -31.76 0.02
N GLN A 223 -3.83 -31.30 0.50
CA GLN A 223 -4.43 -30.10 -0.09
C GLN A 223 -3.49 -28.90 0.02
N GLN A 224 -2.86 -28.72 1.18
CA GLN A 224 -2.00 -27.55 1.37
C GLN A 224 -0.75 -27.63 0.51
N ALA A 225 -0.39 -28.82 0.03
CA ALA A 225 0.71 -28.96 -0.91
C ALA A 225 0.28 -28.59 -2.32
N ILE A 226 -0.93 -29.00 -2.70
CA ILE A 226 -1.50 -28.61 -3.98
C ILE A 226 -1.64 -27.09 -4.05
N GLU A 227 -2.13 -26.48 -2.98
CA GLU A 227 -2.37 -25.04 -2.96
C GLU A 227 -1.09 -24.27 -3.28
N ARG A 228 -0.04 -24.48 -2.48
CA ARG A 228 1.19 -23.72 -2.67
C ARG A 228 1.81 -24.03 -4.02
N SER A 231 -0.30 -21.82 -6.80
CA SER A 231 -0.03 -20.39 -6.88
C SER A 231 1.39 -20.13 -7.37
N TRP A 232 2.33 -21.00 -7.01
CA TRP A 232 3.70 -20.81 -7.45
C TRP A 232 3.81 -21.02 -8.95
N GLU A 233 3.21 -22.08 -9.47
CA GLU A 233 3.19 -22.28 -10.92
C GLU A 233 2.50 -21.13 -11.62
N SER A 234 1.45 -20.58 -11.01
CA SER A 234 0.82 -19.38 -11.57
C SER A 234 1.82 -18.23 -11.62
N TRP A 235 2.66 -18.11 -10.59
CA TRP A 235 3.67 -17.06 -10.59
C TRP A 235 4.83 -17.37 -11.53
N ASN A 236 5.20 -18.64 -11.69
CA ASN A 236 6.19 -19.00 -12.70
C ASN A 236 5.73 -18.54 -14.08
N GLN A 237 4.44 -18.70 -14.38
CA GLN A 237 3.91 -18.21 -15.65
C GLN A 237 3.87 -16.69 -15.69
N ARG A 238 3.57 -16.05 -14.55
CA ARG A 238 3.41 -14.61 -14.53
C ARG A 238 4.76 -13.90 -14.63
N VAL A 239 5.77 -14.40 -13.93
CA VAL A 239 7.10 -13.82 -14.00
C VAL A 239 7.67 -13.94 -15.40
N GLY A 240 7.52 -15.12 -16.02
CA GLY A 240 8.02 -15.31 -17.37
C GLY A 240 7.33 -14.40 -18.38
N GLN A 241 6.01 -14.27 -18.27
CA GLN A 241 5.29 -13.39 -19.18
C GLN A 241 5.74 -11.95 -19.01
N GLU A 242 5.79 -11.47 -17.76
CA GLU A 242 6.18 -10.09 -17.51
C GLU A 242 7.62 -9.83 -17.91
N TYR A 243 8.49 -10.85 -17.85
CA TYR A 243 9.85 -10.67 -18.33
C TYR A 243 9.92 -10.63 -19.85
N ALA A 244 9.01 -11.34 -20.52
CA ALA A 244 8.93 -11.26 -21.97
C ALA A 244 8.46 -9.89 -22.43
N LYS A 245 7.46 -9.33 -21.75
CA LYS A 245 6.98 -8.00 -22.11
C LYS A 245 8.02 -6.92 -21.83
N LEU A 246 8.98 -7.18 -20.94
CA LEU A 246 10.06 -6.23 -20.72
C LEU A 246 11.02 -6.21 -21.90
N VAL A 247 11.45 -7.39 -22.36
CA VAL A 247 12.32 -7.47 -23.53
C VAL A 247 11.65 -6.85 -24.74
N GLU A 248 10.35 -7.09 -24.90
CA GLU A 248 9.62 -6.43 -25.98
C GLU A 248 9.55 -4.92 -25.75
N GLN A 249 9.38 -4.49 -24.50
CA GLN A 249 9.37 -3.05 -24.22
C GLN A 249 10.68 -2.41 -24.61
N LYS A 250 11.80 -3.07 -24.30
CA LYS A 250 13.11 -2.50 -24.59
C LYS A 250 13.31 -2.32 -26.09
N ASN A 251 13.00 -3.34 -26.88
CA ASN A 251 13.27 -3.28 -28.32
C ASN A 251 12.23 -2.43 -29.06
N ARG A 252 10.96 -2.50 -28.64
CA ARG A 252 9.93 -1.65 -29.24
C ARG A 252 10.05 -0.18 -28.83
N PHE A 253 11.04 0.17 -28.03
CA PHE A 253 11.21 1.54 -27.56
C PHE A 253 12.27 2.30 -28.34
N GLU A 254 13.42 1.68 -28.61
CA GLU A 254 14.51 2.37 -29.29
C GLU A 254 14.10 2.77 -30.70
N GLN A 255 13.41 1.88 -31.41
CA GLN A 255 12.98 2.13 -32.78
C GLN A 255 11.55 2.66 -32.84
N LYS A 256 11.12 3.37 -31.79
CA LYS A 256 9.87 4.10 -31.83
C LYS A 256 9.95 5.45 -31.11
N ASN A 257 11.13 5.83 -30.60
CA ASN A 257 11.29 7.10 -29.89
C ASN A 257 12.38 7.97 -30.48
N PHE A 258 13.59 7.43 -30.64
CA PHE A 258 14.71 8.19 -31.21
C PHE A 258 15.28 7.42 -32.40
N VAL A 259 14.49 7.32 -33.46
CA VAL A 259 14.94 6.65 -34.68
C VAL A 259 15.92 7.54 -35.45
N GLY A 260 15.51 8.77 -35.73
CA GLY A 260 16.40 9.73 -36.34
C GLY A 260 17.28 10.50 -35.38
N GLN A 261 17.34 10.07 -34.12
CA GLN A 261 18.11 10.79 -33.10
C GLN A 261 19.25 9.91 -32.59
N GLU A 262 19.99 9.30 -33.50
CA GLU A 262 20.99 8.31 -33.13
C GLU A 262 22.27 8.93 -32.57
N HIS A 263 22.62 10.13 -33.02
CA HIS A 263 23.85 10.76 -32.56
C HIS A 263 23.73 11.22 -31.11
N LEU A 264 22.52 11.57 -30.67
CA LEU A 264 22.32 11.95 -29.27
C LEU A 264 22.50 10.75 -28.35
N VAL A 265 22.04 9.58 -28.78
CA VAL A 265 22.21 8.37 -27.97
C VAL A 265 23.68 8.10 -27.71
N HIS A 266 24.52 8.23 -28.74
CA HIS A 266 25.95 8.05 -28.56
C HIS A 266 26.55 9.10 -27.64
N LEU A 267 25.92 10.28 -27.55
CA LEU A 267 26.48 11.37 -26.76
C LEU A 267 26.17 11.20 -25.28
N VAL A 268 24.91 10.88 -24.95
CA VAL A 268 24.56 10.64 -23.55
C VAL A 268 25.30 9.43 -23.00
N ASN A 269 25.61 8.44 -23.85
CA ASN A 269 26.45 7.33 -23.42
C ASN A 269 27.83 7.82 -22.99
N GLN A 270 28.43 8.71 -23.80
CA GLN A 270 29.67 9.35 -23.37
C GLN A 270 29.47 10.10 -22.07
N LEU A 271 28.34 10.78 -21.93
CA LEU A 271 28.05 11.49 -20.69
C LEU A 271 28.01 10.54 -19.51
N GLN A 272 27.28 9.44 -19.66
CA GLN A 272 27.08 8.53 -18.53
C GLN A 272 28.38 7.86 -18.11
N GLN A 273 29.31 7.64 -19.04
CA GLN A 273 30.63 7.14 -18.67
C GLN A 273 31.59 8.27 -18.30
N ASP A 274 31.33 9.49 -18.77
CA ASP A 274 32.08 10.64 -18.28
C ASP A 274 31.98 10.75 -16.77
N LYS A 276 30.82 8.58 -14.78
CA LYS A 276 31.21 7.30 -14.17
C LYS A 276 32.68 7.32 -13.76
N GLU A 277 33.56 7.80 -14.65
CA GLU A 277 34.98 7.87 -14.34
C GLU A 277 35.29 9.01 -13.38
N ALA A 278 34.67 10.17 -13.58
CA ALA A 278 34.97 11.35 -12.77
C ALA A 278 34.25 11.37 -11.43
N SER A 279 33.67 10.23 -11.00
CA SER A 279 32.90 10.23 -9.76
C SER A 279 33.79 9.91 -8.57
N PRO A 280 33.76 10.72 -7.51
CA PRO A 280 34.51 10.41 -6.30
C PRO A 280 33.83 9.43 -5.37
N GLY A 281 32.64 8.95 -5.74
CA GLY A 281 31.92 8.01 -4.91
C GLY A 281 32.51 6.62 -4.96
N LEU A 282 31.65 5.65 -4.68
CA LEU A 282 32.04 4.25 -4.68
C LEU A 282 32.11 3.71 -6.09
N GLU A 283 32.98 2.73 -6.29
CA GLU A 283 33.18 2.17 -7.62
C GLU A 283 31.90 1.51 -8.12
N SER A 284 31.62 1.70 -9.41
CA SER A 284 30.36 1.22 -9.97
C SER A 284 30.39 -0.29 -10.18
N LYS A 285 29.23 -0.92 -10.01
CA LYS A 285 29.10 -2.36 -10.21
C LYS A 285 27.90 -2.70 -11.09
N GLU A 286 26.82 -1.91 -10.99
CA GLU A 286 25.65 -2.13 -11.81
C GLU A 286 25.92 -1.69 -13.26
N GLN A 287 25.19 -2.32 -14.18
CA GLN A 287 25.35 -1.97 -15.60
C GLN A 287 24.88 -0.56 -15.89
N THR A 288 23.76 -0.14 -15.28
CA THR A 288 23.22 1.20 -15.48
C THR A 288 23.76 2.22 -14.49
N ALA A 289 24.98 2.00 -13.98
CA ALA A 289 25.57 2.93 -13.03
C ALA A 289 25.81 4.29 -13.69
N HIS A 290 25.43 5.35 -12.99
CA HIS A 290 25.52 6.73 -13.43
C HIS A 290 24.68 7.02 -14.66
N TYR A 291 23.78 6.11 -15.05
CA TYR A 291 22.92 6.35 -16.19
C TYR A 291 21.95 7.48 -15.88
N VAL A 292 21.55 8.21 -16.92
CA VAL A 292 20.67 9.35 -16.75
C VAL A 292 19.26 8.86 -16.44
N THR A 293 18.80 9.10 -15.21
CA THR A 293 17.46 8.72 -14.78
C THR A 293 16.57 9.95 -14.66
N GLY A 294 15.27 9.70 -14.56
CA GLY A 294 14.31 10.80 -14.41
C GLY A 294 14.46 11.55 -13.11
N ARG A 295 14.92 10.87 -12.06
CA ARG A 295 15.11 11.52 -10.76
C ARG A 295 16.16 12.62 -10.84
N ALA A 296 17.26 12.36 -11.54
CA ALA A 296 18.30 13.38 -11.67
C ALA A 296 17.86 14.53 -12.56
N LEU A 297 16.97 14.27 -13.52
CA LEU A 297 16.45 15.29 -14.41
C LEU A 297 15.20 15.98 -13.84
N ARG A 298 14.96 15.87 -12.54
CA ARG A 298 13.76 16.47 -11.96
C ARG A 298 13.83 17.98 -12.11
N GLY A 299 12.77 18.56 -12.67
CA GLY A 299 12.76 20.00 -12.93
C GLY A 299 13.65 20.43 -14.07
N SER A 300 13.98 19.51 -15.00
CA SER A 300 14.78 19.88 -16.16
C SER A 300 14.01 20.73 -17.15
N ASP A 301 12.68 20.68 -17.12
CA ASP A 301 11.88 21.51 -18.01
C ASP A 301 12.15 22.99 -17.77
N LYS A 302 12.23 23.40 -16.50
CA LYS A 302 12.46 24.80 -16.18
C LYS A 302 13.87 25.23 -16.53
N VAL A 303 14.86 24.39 -16.21
CA VAL A 303 16.26 24.74 -16.48
C VAL A 303 16.52 24.87 -17.97
N PHE A 304 15.84 24.06 -18.79
CA PHE A 304 16.10 24.06 -20.23
C PHE A 304 15.56 25.33 -20.89
N GLU A 305 14.35 25.75 -20.54
CA GLU A 305 13.80 26.99 -21.09
C GLU A 305 14.65 28.19 -20.70
N LYS A 306 15.09 28.24 -19.44
CA LYS A 306 15.96 29.31 -19.01
C LYS A 306 17.32 29.24 -19.71
N TRP A 307 17.79 28.04 -20.04
CA TRP A 307 19.04 27.94 -20.80
C TRP A 307 18.86 28.38 -22.24
N GLY A 308 17.65 28.26 -22.79
CA GLY A 308 17.42 28.63 -24.17
C GLY A 308 17.66 30.10 -24.45
N LYS A 309 17.38 30.95 -23.46
CA LYS A 309 17.62 32.39 -23.53
C LYS A 309 19.07 32.77 -23.28
N LEU A 310 20.01 31.86 -23.48
CA LEU A 310 21.44 32.11 -23.22
C LEU A 310 22.27 31.89 -24.48
N ALA A 311 23.57 32.21 -24.36
CA ALA A 311 24.54 32.06 -25.45
C ALA A 311 25.30 30.77 -25.28
N PRO A 312 25.43 29.96 -26.34
CA PRO A 312 26.17 28.69 -26.21
C PRO A 312 27.62 28.86 -25.80
N ASP A 313 28.21 30.02 -26.10
CA ASP A 313 29.60 30.30 -25.73
C ASP A 313 29.70 31.05 -24.40
N ALA A 314 28.58 31.32 -23.74
CA ALA A 314 28.60 32.09 -22.50
C ALA A 314 29.34 31.33 -21.41
N PRO A 315 29.85 32.03 -20.40
CA PRO A 315 30.56 31.36 -19.31
C PRO A 315 29.63 30.47 -18.50
N PHE A 316 30.24 29.71 -17.59
CA PHE A 316 29.50 28.71 -16.82
C PHE A 316 28.54 29.38 -15.84
N ASP A 317 29.01 30.35 -15.07
CA ASP A 317 28.27 30.82 -13.90
C ASP A 317 26.87 31.30 -14.26
N LEU A 318 26.67 31.81 -15.47
CA LEU A 318 25.32 32.22 -15.86
C LEU A 318 24.46 31.03 -16.27
N TYR A 319 25.09 29.95 -16.74
CA TYR A 319 24.37 28.68 -16.86
C TYR A 319 24.10 28.08 -15.48
N ASP A 320 25.11 28.09 -14.61
CA ASP A 320 24.99 27.45 -13.30
C ASP A 320 24.00 28.22 -12.41
N ALA A 321 24.15 29.54 -12.33
CA ALA A 321 23.23 30.33 -11.51
C ALA A 321 21.81 30.29 -12.06
N GLU A 322 21.64 29.88 -13.32
CA GLU A 322 20.32 29.60 -13.84
C GLU A 322 19.80 28.25 -13.39
N ILE A 323 20.68 27.36 -12.93
CA ILE A 323 20.25 26.12 -12.30
C ILE A 323 19.89 26.37 -10.84
N LYS A 324 20.71 27.15 -10.14
CA LYS A 324 20.45 27.45 -8.73
C LYS A 324 19.10 28.13 -8.54
N ASN A 325 18.67 28.94 -9.50
CA ASN A 325 17.40 29.63 -9.36
C ASN A 325 16.22 28.68 -9.49
N VAL A 326 16.35 27.66 -10.34
CA VAL A 326 15.28 26.67 -10.47
C VAL A 326 15.17 25.83 -9.20
N GLN A 327 16.32 25.52 -8.58
CA GLN A 327 16.30 24.78 -7.32
C GLN A 327 15.70 25.61 -6.20
N ARG A 328 16.07 26.89 -6.13
CA ARG A 328 15.60 27.74 -5.04
C ARG A 328 14.09 27.94 -5.08
N ARG A 329 13.48 27.86 -6.26
CA ARG A 329 12.02 28.04 -6.35
C ARG A 329 11.30 26.99 -5.52
N ASN A 330 11.81 25.77 -5.50
CA ASN A 330 11.36 24.74 -4.56
C ASN A 330 12.43 23.66 -4.51
N THR A 331 13.04 23.48 -3.33
CA THR A 331 14.15 22.54 -3.21
C THR A 331 13.69 21.08 -3.31
N ARG A 332 12.43 20.79 -2.99
CA ARG A 332 11.98 19.40 -2.98
C ARG A 332 11.90 18.83 -4.40
N ARG A 333 11.39 19.61 -5.34
CA ARG A 333 11.17 19.13 -6.71
C ARG A 333 12.32 19.54 -7.62
N PHE A 334 13.53 19.15 -7.24
CA PHE A 334 14.71 19.46 -8.02
C PHE A 334 15.59 18.22 -8.14
N GLY A 335 16.28 18.10 -9.27
CA GLY A 335 17.11 16.95 -9.52
C GLY A 335 18.56 17.13 -9.15
N SER A 336 19.46 16.68 -10.03
CA SER A 336 20.88 16.66 -9.75
C SER A 336 21.55 17.93 -10.26
N HIS A 337 22.26 18.62 -9.37
CA HIS A 337 23.06 19.77 -9.81
C HIS A 337 24.15 19.33 -10.77
N ASP A 338 24.87 18.26 -10.44
CA ASP A 338 26.00 17.84 -11.25
C ASP A 338 25.58 17.44 -12.65
N LEU A 339 24.38 16.88 -12.81
CA LEU A 339 23.89 16.54 -14.14
C LEU A 339 23.68 17.79 -14.97
N PHE A 340 23.07 18.82 -14.38
CA PHE A 340 22.88 20.07 -15.10
C PHE A 340 24.18 20.82 -15.28
N ALA A 341 25.11 20.67 -14.35
CA ALA A 341 26.43 21.28 -14.51
C ALA A 341 27.15 20.71 -15.72
N LYS A 342 27.06 19.39 -15.92
CA LYS A 342 27.71 18.76 -17.06
C LYS A 342 26.90 18.92 -18.33
N LEU A 343 25.58 19.10 -18.22
CA LEU A 343 24.76 19.39 -19.40
C LEU A 343 24.93 20.82 -19.89
N ALA A 344 25.50 21.70 -19.07
CA ALA A 344 25.79 23.05 -19.52
C ALA A 344 27.11 23.12 -20.30
N GLU A 345 27.96 22.13 -20.15
CA GLU A 345 29.21 22.11 -20.90
C GLU A 345 28.91 22.05 -22.40
N PRO A 346 29.64 22.80 -23.22
CA PRO A 346 29.26 22.90 -24.65
C PRO A 346 29.27 21.57 -25.37
N GLU A 347 30.17 20.65 -25.01
CA GLU A 347 30.23 19.38 -25.71
C GLU A 347 28.95 18.57 -25.54
N TYR A 348 28.27 18.74 -24.41
CA TYR A 348 27.04 18.00 -24.12
C TYR A 348 25.78 18.82 -24.30
N GLN A 349 25.90 20.07 -24.76
CA GLN A 349 24.73 20.93 -24.84
C GLN A 349 23.73 20.46 -25.89
N ALA A 350 24.15 19.63 -26.83
CA ALA A 350 23.26 19.18 -27.90
C ALA A 350 22.15 18.26 -27.41
N LEU A 351 22.32 17.65 -26.22
CA LEU A 351 21.29 16.75 -25.71
C LEU A 351 20.00 17.49 -25.41
N TRP A 352 20.10 18.72 -24.88
CA TRP A 352 18.93 19.53 -24.57
C TRP A 352 18.67 20.63 -25.58
N ARG A 353 19.64 20.95 -26.44
CA ARG A 353 19.45 22.01 -27.42
C ARG A 353 18.58 21.55 -28.58
N GLU A 354 18.93 20.42 -29.20
CA GLU A 354 18.21 19.94 -30.37
C GLU A 354 16.79 19.50 -30.00
N ASP A 355 16.67 18.46 -29.16
CA ASP A 355 15.39 17.97 -28.67
C ASP A 355 15.34 18.20 -27.17
N ALA A 356 14.46 19.08 -26.73
CA ALA A 356 14.36 19.42 -25.31
C ALA A 356 13.60 18.37 -24.50
N SER A 357 13.08 17.33 -25.15
CA SER A 357 12.43 16.22 -24.46
C SER A 357 13.18 14.91 -24.66
N PHE A 358 14.38 14.95 -25.24
CA PHE A 358 15.11 13.72 -25.53
C PHE A 358 15.64 13.09 -24.26
N LEU A 359 16.15 13.89 -23.32
CA LEU A 359 16.77 13.34 -22.13
C LEU A 359 15.75 12.63 -21.23
N THR A 360 14.52 13.16 -21.15
CA THR A 360 13.50 12.45 -20.38
C THR A 360 13.05 11.18 -21.09
N ARG A 361 12.97 11.22 -22.43
CA ARG A 361 12.69 10.00 -23.19
C ARG A 361 13.76 8.95 -22.93
N TYR A 362 15.03 9.33 -23.03
CA TYR A 362 16.11 8.38 -22.81
C TYR A 362 16.16 7.89 -21.36
N ALA A 363 15.63 8.67 -20.42
CA ALA A 363 15.59 8.23 -19.03
C ALA A 363 14.58 7.10 -18.84
N VAL A 364 13.48 7.13 -19.58
CA VAL A 364 12.54 6.01 -19.58
C VAL A 364 13.20 4.76 -20.12
N TYR A 365 14.02 4.91 -21.17
CA TYR A 365 14.77 3.77 -21.70
C TYR A 365 15.74 3.23 -20.65
N ASN A 366 16.38 4.12 -19.90
CA ASN A 366 17.30 3.66 -18.85
C ASN A 366 16.55 2.93 -17.74
N SER A 367 15.36 3.41 -17.37
CA SER A 367 14.58 2.70 -16.36
C SER A 367 14.22 1.30 -16.84
N ILE A 368 13.88 1.15 -18.13
CA ILE A 368 13.62 -0.16 -18.68
C ILE A 368 14.88 -1.02 -18.66
N LEU A 369 16.04 -0.40 -18.91
CA LEU A 369 17.30 -1.15 -18.87
C LEU A 369 17.60 -1.67 -17.48
N ARG A 370 17.44 -0.83 -16.47
CA ARG A 370 17.77 -1.23 -15.10
C ARG A 370 16.80 -2.29 -14.58
N LYS A 371 15.49 -2.07 -14.79
CA LYS A 371 14.51 -3.04 -14.30
C LYS A 371 14.65 -4.39 -15.00
N LEU A 372 15.17 -4.37 -16.23
CA LEU A 372 15.40 -5.63 -16.94
C LEU A 372 16.59 -6.38 -16.37
N ASN A 373 17.63 -5.65 -15.96
CA ASN A 373 18.81 -6.29 -15.39
C ASN A 373 18.51 -6.94 -14.04
N HIS A 374 17.45 -6.51 -13.36
CA HIS A 374 17.07 -7.09 -12.09
C HIS A 374 15.85 -7.99 -12.19
N ALA A 375 15.12 -7.96 -13.30
CA ALA A 375 13.90 -8.73 -13.42
C ALA A 375 14.19 -10.22 -13.32
N LYS A 376 13.36 -10.93 -12.57
CA LYS A 376 13.47 -12.37 -12.47
C LYS A 376 12.77 -13.03 -13.64
N PHE A 378 11.96 -16.45 -13.13
CA PHE A 378 11.29 -17.56 -12.47
C PHE A 378 11.01 -17.19 -11.03
N ALA A 379 9.92 -17.73 -10.50
CA ALA A 379 9.53 -17.47 -9.11
C ALA A 379 10.26 -18.46 -8.20
N THR A 380 10.97 -17.94 -7.20
CA THR A 380 11.71 -18.80 -6.29
C THR A 380 10.80 -19.84 -5.66
N PHE A 381 11.37 -21.01 -5.40
CA PHE A 381 10.65 -22.16 -4.87
C PHE A 381 11.17 -22.46 -3.48
N THR A 382 10.28 -22.47 -2.49
CA THR A 382 10.68 -22.68 -1.10
C THR A 382 9.74 -23.69 -0.46
N LEU A 383 10.30 -24.81 -0.02
CA LEU A 383 9.52 -25.81 0.69
C LEU A 383 9.03 -25.26 2.02
N PRO A 384 7.89 -25.74 2.52
CA PRO A 384 7.49 -25.38 3.89
C PRO A 384 8.45 -25.95 4.92
N ASP A 385 8.51 -25.28 6.06
CA ASP A 385 9.34 -25.72 7.18
C ASP A 385 8.59 -25.42 8.47
N ALA A 386 8.74 -26.30 9.46
CA ALA A 386 7.99 -26.15 10.69
C ALA A 386 8.34 -24.87 11.44
N THR A 387 9.54 -24.34 11.24
CA THR A 387 9.98 -23.15 11.97
C THR A 387 10.37 -21.97 11.09
N ALA A 388 10.82 -22.20 9.86
CA ALA A 388 11.26 -21.12 8.99
C ALA A 388 10.14 -20.60 8.09
N HIS A 389 9.43 -21.51 7.44
CA HIS A 389 8.31 -21.16 6.57
C HIS A 389 7.12 -22.02 6.96
N PRO A 390 6.48 -21.72 8.09
CA PRO A 390 5.45 -22.62 8.61
C PRO A 390 4.13 -22.50 7.89
N ILE A 391 3.48 -23.63 7.69
CA ILE A 391 2.06 -23.66 7.46
C ILE A 391 1.42 -24.17 8.74
N TRP A 392 0.09 -24.05 8.82
CA TRP A 392 -0.63 -24.34 10.06
C TRP A 392 -1.63 -25.46 9.83
N THR A 393 -1.79 -26.33 10.82
CA THR A 393 -2.78 -27.38 10.72
C THR A 393 -4.18 -26.77 10.70
N ARG A 394 -5.00 -27.19 9.75
CA ARG A 394 -6.36 -26.72 9.66
C ARG A 394 -7.30 -27.64 10.43
N PHE A 395 -8.48 -27.11 10.76
CA PHE A 395 -9.49 -27.85 11.48
C PHE A 395 -10.85 -27.45 10.92
N ASP A 396 -11.54 -28.38 10.28
CA ASP A 396 -12.84 -28.04 9.72
C ASP A 396 -13.85 -27.77 10.84
N LYS A 397 -14.88 -26.99 10.49
CA LYS A 397 -15.99 -26.76 11.40
C LYS A 397 -16.74 -28.07 11.66
N LEU A 398 -17.69 -28.01 12.61
CA LEU A 398 -18.53 -29.17 12.88
C LEU A 398 -19.31 -29.55 11.63
N GLY A 399 -19.15 -30.81 11.21
CA GLY A 399 -19.75 -31.29 9.99
C GLY A 399 -18.78 -31.42 8.82
N GLY A 400 -17.66 -30.72 8.88
CA GLY A 400 -16.68 -30.78 7.82
C GLY A 400 -16.05 -32.15 7.72
N ASN A 401 -15.29 -32.34 6.65
CA ASN A 401 -14.67 -33.63 6.42
C ASN A 401 -13.34 -33.81 7.12
N LEU A 402 -12.69 -32.72 7.49
CA LEU A 402 -11.44 -32.84 8.21
C LEU A 402 -11.71 -33.14 9.68
N HIS A 403 -10.63 -33.31 10.44
CA HIS A 403 -10.74 -33.25 11.89
C HIS A 403 -11.43 -31.96 12.30
N GLN A 404 -12.49 -32.10 13.09
CA GLN A 404 -13.41 -31.00 13.38
C GLN A 404 -13.18 -30.41 14.77
N TYR A 405 -13.88 -29.31 15.03
CA TYR A 405 -13.86 -28.65 16.33
C TYR A 405 -15.22 -28.00 16.57
N THR A 406 -15.61 -27.93 17.84
CA THR A 406 -16.76 -27.14 18.26
C THR A 406 -16.28 -25.97 19.11
N PHE A 407 -16.93 -24.83 18.95
CA PHE A 407 -16.74 -23.69 19.84
C PHE A 407 -17.79 -23.76 20.93
N LEU A 408 -17.34 -23.90 22.17
CA LEU A 408 -18.23 -24.10 23.31
C LEU A 408 -18.42 -22.77 24.03
N PHE A 409 -19.62 -22.20 23.91
CA PHE A 409 -19.94 -20.94 24.58
C PHE A 409 -20.11 -21.15 26.08
N ASN A 410 -19.38 -20.35 26.86
CA ASN A 410 -19.53 -20.31 28.32
C ASN A 410 -19.44 -21.71 28.92
N GLU A 411 -18.40 -22.45 28.52
CA GLU A 411 -18.23 -23.81 29.03
C GLU A 411 -17.84 -23.81 30.50
N PHE A 412 -17.13 -22.79 30.95
CA PHE A 412 -16.60 -22.78 32.30
C PHE A 412 -16.99 -21.55 33.11
N GLY A 413 -17.79 -20.65 32.56
CA GLY A 413 -18.15 -19.44 33.27
C GLY A 413 -18.88 -18.47 32.37
N GLU A 414 -19.07 -17.25 32.88
CA GLU A 414 -19.82 -16.24 32.14
C GLU A 414 -19.20 -15.98 30.78
N ARG A 415 -17.91 -15.67 30.73
CA ARG A 415 -17.21 -15.44 29.47
C ARG A 415 -16.08 -16.41 29.27
N ARG A 416 -16.10 -17.56 29.95
CA ARG A 416 -15.05 -18.57 29.83
C ARG A 416 -15.45 -19.57 28.76
N HIS A 417 -15.13 -19.26 27.52
CA HIS A 417 -15.45 -20.15 26.42
C HIS A 417 -14.42 -21.27 26.32
N ALA A 418 -14.65 -22.19 25.38
CA ALA A 418 -13.77 -23.31 25.20
C ALA A 418 -13.88 -23.80 23.76
N ILE A 419 -12.90 -24.59 23.35
CA ILE A 419 -12.91 -25.24 22.06
C ILE A 419 -12.69 -26.72 22.29
N ARG A 420 -13.54 -27.55 21.69
CA ARG A 420 -13.39 -29.00 21.77
C ARG A 420 -12.80 -29.48 20.45
N PHE A 421 -11.55 -29.93 20.49
CA PHE A 421 -10.95 -30.60 19.34
C PHE A 421 -11.39 -32.06 19.35
N HIS A 422 -12.10 -32.47 18.29
CA HIS A 422 -12.61 -33.85 18.27
C HIS A 422 -11.50 -34.86 18.04
N LYS A 423 -10.39 -34.45 17.44
CA LYS A 423 -9.20 -35.29 17.36
C LYS A 423 -8.00 -34.38 17.56
N LEU A 424 -6.99 -34.88 18.26
CA LEU A 424 -5.82 -34.08 18.57
C LEU A 424 -4.67 -35.02 18.87
N LEU A 425 -3.54 -34.45 19.25
CA LEU A 425 -2.37 -35.21 19.65
C LEU A 425 -2.07 -34.92 21.11
N LYS A 426 -1.69 -35.97 21.84
CA LYS A 426 -1.31 -35.86 23.23
C LYS A 426 0.06 -36.50 23.40
N VAL A 427 0.92 -35.87 24.20
CA VAL A 427 2.29 -36.31 24.37
C VAL A 427 2.55 -36.54 25.85
N GLU A 428 2.94 -37.76 26.19
CA GLU A 428 3.19 -38.15 27.59
C GLU A 428 4.50 -38.92 27.64
N ASN A 429 5.50 -38.36 28.32
CA ASN A 429 6.82 -38.99 28.46
C ASN A 429 7.44 -39.27 27.09
N GLY A 430 7.27 -38.33 26.16
CA GLY A 430 7.97 -38.38 24.89
C GLY A 430 7.28 -39.12 23.76
N VAL A 431 6.18 -39.82 24.02
CA VAL A 431 5.47 -40.54 22.96
C VAL A 431 4.22 -39.77 22.57
N ALA A 432 4.09 -39.48 21.29
CA ALA A 432 2.92 -38.79 20.75
C ALA A 432 1.84 -39.80 20.46
N ARG A 433 0.63 -39.55 20.97
CA ARG A 433 -0.49 -40.45 20.86
C ARG A 433 -1.71 -39.66 20.39
N GLU A 434 -2.40 -40.17 19.38
CA GLU A 434 -3.61 -39.52 18.89
C GLU A 434 -4.77 -39.78 19.85
N VAL A 435 -5.53 -38.73 20.15
CA VAL A 435 -6.59 -38.78 21.15
C VAL A 435 -7.85 -38.15 20.59
N ASP A 436 -8.95 -38.36 21.30
CA ASP A 436 -10.25 -37.86 20.91
C ASP A 436 -10.79 -36.87 21.93
N ASP A 437 -11.60 -35.94 21.44
CA ASP A 437 -12.51 -35.15 22.28
C ASP A 437 -11.75 -34.45 23.42
N VAL A 438 -10.90 -33.52 23.02
CA VAL A 438 -10.08 -32.72 23.94
C VAL A 438 -10.68 -31.32 24.02
N THR A 439 -11.10 -30.93 25.22
CA THR A 439 -11.70 -29.62 25.45
C THR A 439 -10.67 -28.67 26.04
N VAL A 440 -10.46 -27.53 25.38
CA VAL A 440 -9.42 -26.58 25.75
C VAL A 440 -10.05 -25.24 26.04
N PRO A 441 -9.89 -24.68 27.23
CA PRO A 441 -10.39 -23.32 27.50
C PRO A 441 -9.64 -22.27 26.72
N ILE A 442 -10.34 -21.16 26.47
CA ILE A 442 -9.81 -20.02 25.74
C ILE A 442 -9.52 -18.89 26.72
N SER A 443 -8.38 -18.24 26.55
CA SER A 443 -8.11 -17.03 27.31
C SER A 443 -9.14 -15.95 27.00
N SER A 445 -11.31 -12.88 25.99
CA SER A 445 -11.18 -12.07 24.79
C SER A 445 -12.42 -11.22 24.63
N GLU A 446 -12.30 -9.91 24.89
CA GLU A 446 -13.43 -9.01 24.65
C GLU A 446 -13.88 -9.07 23.20
N GLN A 447 -12.97 -9.44 22.29
CA GLN A 447 -13.35 -9.61 20.89
C GLN A 447 -14.38 -10.72 20.72
N LEU A 448 -14.32 -11.75 21.57
CA LEU A 448 -15.29 -12.83 21.50
C LEU A 448 -16.66 -12.42 21.99
N ASP A 449 -16.76 -11.32 22.72
CA ASP A 449 -18.08 -10.86 23.16
C ASP A 449 -18.98 -10.47 22.01
N ASN A 450 -18.44 -10.32 20.80
CA ASN A 450 -19.26 -10.06 19.62
C ASN A 450 -19.87 -11.32 19.04
N LEU A 451 -19.69 -12.48 19.69
CA LEU A 451 -20.23 -13.74 19.20
C LEU A 451 -21.23 -14.28 20.20
N LEU A 452 -22.46 -14.50 19.74
CA LEU A 452 -23.51 -15.13 20.53
C LEU A 452 -23.99 -16.39 19.83
N PRO A 453 -24.32 -17.43 20.57
CA PRO A 453 -24.86 -18.64 19.93
C PRO A 453 -26.25 -18.42 19.39
N ARG A 454 -26.52 -18.99 18.21
CA ARG A 454 -27.79 -18.79 17.52
C ARG A 454 -28.75 -19.95 17.72
N ASP A 455 -28.29 -21.18 17.44
CA ASP A 455 -29.13 -22.37 17.51
C ASP A 455 -28.43 -23.42 18.35
N PRO A 456 -29.09 -23.96 19.39
CA PRO A 456 -28.45 -25.04 20.17
C PRO A 456 -28.31 -26.34 19.40
N ASN A 457 -29.25 -26.66 18.51
CA ASN A 457 -29.16 -27.91 17.76
C ASN A 457 -28.04 -27.88 16.72
N GLU A 458 -27.74 -26.71 16.16
CA GLU A 458 -26.65 -26.55 15.22
C GLU A 458 -25.55 -25.71 15.85
N PRO A 459 -24.54 -26.34 16.48
CA PRO A 459 -23.52 -25.58 17.21
C PRO A 459 -22.54 -24.82 16.33
N ILE A 460 -22.86 -24.73 15.05
CA ILE A 460 -22.04 -23.95 14.12
C ILE A 460 -22.58 -22.52 13.98
N ALA A 461 -23.88 -22.34 14.20
CA ALA A 461 -24.52 -21.03 14.01
C ALA A 461 -24.10 -20.05 15.11
N LEU A 462 -24.10 -18.77 14.75
CA LEU A 462 -23.78 -17.73 15.72
C LEU A 462 -24.44 -16.43 15.28
N TYR A 463 -24.44 -15.48 16.20
CA TYR A 463 -24.79 -14.09 15.93
C TYR A 463 -23.54 -13.23 16.04
N PHE A 464 -23.51 -12.15 15.28
CA PHE A 464 -22.34 -11.28 15.22
C PHE A 464 -22.74 -9.87 15.59
N ARG A 465 -22.16 -9.35 16.67
CA ARG A 465 -22.43 -7.99 17.12
C ARG A 465 -21.60 -6.99 16.33
N ASP A 466 -22.15 -5.78 16.18
CA ASP A 466 -21.42 -4.68 15.58
C ASP A 466 -22.05 -3.37 16.06
N TYR A 467 -21.19 -2.38 16.36
CA TYR A 467 -21.68 -1.09 16.83
C TYR A 467 -22.48 -0.37 15.75
N GLY A 468 -22.26 -0.69 14.48
CA GLY A 468 -22.96 -0.02 13.41
C GLY A 468 -24.03 -0.88 12.77
N ALA A 469 -24.65 -1.73 13.58
CA ALA A 469 -25.75 -2.58 13.12
C ALA A 469 -26.72 -2.77 14.29
N GLU A 470 -27.94 -2.27 14.13
CA GLU A 470 -28.90 -2.37 15.22
C GLU A 470 -29.26 -3.82 15.51
N GLN A 471 -29.46 -4.63 14.47
CA GLN A 471 -29.73 -6.04 14.60
C GLN A 471 -28.44 -6.82 14.36
N HIS A 472 -28.16 -7.80 15.22
CA HIS A 472 -26.97 -8.63 15.04
C HIS A 472 -27.06 -9.39 13.73
N PHE A 473 -25.89 -9.59 13.11
CA PHE A 473 -25.82 -10.41 11.91
C PHE A 473 -25.90 -11.89 12.26
N THR A 474 -26.39 -12.69 11.33
CA THR A 474 -26.36 -14.13 11.49
C THR A 474 -25.11 -14.68 10.82
N GLY A 475 -24.49 -15.67 11.46
CA GLY A 475 -23.22 -16.18 10.98
C GLY A 475 -22.99 -17.61 11.39
N GLU A 476 -21.91 -18.17 10.85
CA GLU A 476 -21.52 -19.54 11.14
C GLU A 476 -20.02 -19.60 11.39
N PHE A 477 -19.63 -20.51 12.27
CA PHE A 477 -18.20 -20.81 12.42
C PHE A 477 -17.70 -21.48 11.16
N GLY A 478 -16.45 -21.19 10.81
CA GLY A 478 -15.82 -21.80 9.65
C GLY A 478 -14.58 -22.55 10.06
N GLY A 479 -13.67 -22.76 9.11
CA GLY A 479 -12.44 -23.46 9.43
C GLY A 479 -11.59 -22.69 10.42
N ALA A 480 -10.69 -23.43 11.06
CA ALA A 480 -9.77 -22.88 12.03
C ALA A 480 -8.37 -23.41 11.76
N LYS A 481 -7.37 -22.67 12.22
CA LYS A 481 -5.99 -23.12 12.05
C LYS A 481 -5.22 -22.84 13.33
N ILE A 482 -4.32 -23.75 13.68
CA ILE A 482 -3.54 -23.66 14.90
C ILE A 482 -2.24 -22.93 14.60
N GLN A 483 -2.04 -21.80 15.26
CA GLN A 483 -0.88 -20.94 15.02
C GLN A 483 -0.09 -20.73 16.30
N CYS A 484 1.20 -20.46 16.12
CA CYS A 484 2.10 -19.97 17.15
C CYS A 484 2.74 -18.67 16.64
N ARG A 485 3.35 -17.94 17.56
CA ARG A 485 4.06 -16.72 17.18
C ARG A 485 5.33 -17.05 16.42
N ARG A 486 5.68 -16.21 15.44
CA ARG A 486 6.89 -16.45 14.66
C ARG A 486 8.14 -16.39 15.53
N ASP A 487 8.14 -15.54 16.57
CA ASP A 487 9.31 -15.44 17.43
C ASP A 487 9.45 -16.64 18.37
N GLN A 488 8.34 -17.20 18.84
CA GLN A 488 8.35 -18.41 19.65
C GLN A 488 8.42 -19.68 18.82
N LEU A 489 8.84 -19.58 17.57
CA LEU A 489 8.89 -20.71 16.65
C LEU A 489 10.30 -21.24 16.44
N ALA A 490 11.22 -20.36 16.03
CA ALA A 490 12.61 -20.76 15.81
C ALA A 490 13.27 -21.25 17.08
N HIS A 491 12.72 -20.92 18.24
CA HIS A 491 13.27 -21.33 19.52
C HIS A 491 12.90 -22.78 19.83
N HIS A 493 14.31 -24.28 23.46
CA HIS A 493 14.47 -24.11 24.90
C HIS A 493 13.94 -25.36 25.61
N ARG A 494 13.39 -25.17 26.82
CA ARG A 494 12.73 -26.21 27.61
C ARG A 494 11.62 -25.53 28.41
N ARG A 495 10.62 -25.00 27.71
CA ARG A 495 9.51 -24.32 28.36
C ARG A 495 8.19 -24.72 27.70
N ARG A 496 7.11 -24.48 28.45
CA ARG A 496 5.77 -24.81 28.00
C ARG A 496 4.87 -23.58 28.01
N ARG A 499 5.55 -21.50 25.45
CA ARG A 499 5.12 -21.38 24.06
C ARG A 499 3.61 -21.29 23.95
N ASP A 500 3.10 -20.10 23.70
CA ASP A 500 1.67 -19.89 23.54
C ASP A 500 1.17 -20.51 22.23
N VAL A 501 -0.04 -21.04 22.26
CA VAL A 501 -0.68 -21.62 21.09
C VAL A 501 -2.02 -20.92 20.87
N TYR A 502 -2.29 -20.52 19.63
CA TYR A 502 -3.51 -19.82 19.26
C TYR A 502 -4.31 -20.65 18.29
N LEU A 503 -5.62 -20.39 18.24
CA LEU A 503 -6.51 -20.95 17.23
C LEU A 503 -7.11 -19.80 16.43
N ASN A 504 -6.86 -19.81 15.13
CA ASN A 504 -7.33 -18.74 14.25
C ASN A 504 -8.65 -19.21 13.64
N VAL A 505 -9.77 -18.70 14.16
CA VAL A 505 -11.08 -19.16 13.77
C VAL A 505 -11.66 -18.24 12.71
N SER A 506 -12.09 -18.83 11.61
CA SER A 506 -12.77 -18.09 10.54
C SER A 506 -14.26 -18.03 10.84
N VAL A 507 -14.81 -16.82 10.83
CA VAL A 507 -16.24 -16.60 11.03
C VAL A 507 -16.82 -16.07 9.72
N ARG A 508 -17.91 -16.69 9.28
CA ARG A 508 -18.62 -16.24 8.09
C ARG A 508 -19.85 -15.47 8.55
N VAL A 509 -19.94 -14.21 8.16
CA VAL A 509 -20.98 -13.30 8.63
C VAL A 509 -21.84 -12.88 7.45
N GLN A 510 -23.15 -12.99 7.61
CA GLN A 510 -24.12 -12.74 6.55
C GLN A 510 -24.68 -11.33 6.68
N SER A 511 -24.54 -10.54 5.61
CA SER A 511 -25.02 -9.17 5.63
C SER A 511 -26.53 -9.12 5.52
N GLN A 512 -27.12 -8.00 5.96
CA GLN A 512 -28.57 -7.86 5.94
C GLN A 512 -29.14 -8.08 4.55
N SER A 513 -28.43 -7.61 3.52
CA SER A 513 -28.85 -7.90 2.15
C SER A 513 -28.77 -9.40 1.87
N GLU A 514 -27.62 -10.01 2.16
CA GLU A 514 -27.49 -11.45 1.94
C GLU A 514 -28.57 -12.23 2.66
N ALA A 515 -28.97 -11.80 3.85
CA ALA A 515 -30.00 -12.50 4.59
C ALA A 515 -31.33 -12.48 3.88
N ARG A 516 -31.59 -11.50 3.01
CA ARG A 516 -32.81 -11.44 2.24
C ARG A 516 -32.72 -12.18 0.91
N GLY A 517 -31.65 -12.94 0.68
CA GLY A 517 -31.56 -13.74 -0.52
C GLY A 517 -31.43 -12.95 -1.79
N GLU A 518 -30.80 -11.79 -1.75
CA GLU A 518 -30.54 -10.99 -2.94
C GLU A 518 -29.05 -11.00 -3.24
N ARG A 519 -28.72 -11.18 -4.52
CA ARG A 519 -27.31 -11.23 -4.92
C ARG A 519 -26.60 -9.93 -4.59
N ARG A 520 -27.22 -8.80 -4.87
CA ARG A 520 -26.69 -7.49 -4.55
C ARG A 520 -27.78 -6.65 -3.91
N PRO A 521 -27.40 -5.64 -3.10
CA PRO A 521 -28.41 -4.75 -2.55
C PRO A 521 -29.17 -4.06 -3.66
N PRO A 522 -30.41 -3.64 -3.41
CA PRO A 522 -31.21 -3.02 -4.48
C PRO A 522 -30.58 -1.75 -5.02
N TYR A 523 -29.83 -1.01 -4.20
CA TYR A 523 -29.20 0.22 -4.64
C TYR A 523 -27.90 -0.02 -5.40
N ALA A 524 -27.49 -1.27 -5.61
CA ALA A 524 -26.30 -1.53 -6.40
C ALA A 524 -26.54 -1.39 -7.89
N ALA A 525 -27.79 -1.45 -8.33
CA ALA A 525 -28.13 -1.27 -9.74
C ALA A 525 -28.10 0.19 -10.17
N VAL A 526 -27.88 1.12 -9.24
CA VAL A 526 -27.89 2.55 -9.54
C VAL A 526 -26.45 3.03 -9.74
N PHE A 527 -25.50 2.40 -9.05
CA PHE A 527 -24.10 2.78 -9.12
C PHE A 527 -23.31 1.67 -9.81
N ARG A 528 -22.69 2.01 -10.94
CA ARG A 528 -21.83 1.10 -11.67
C ARG A 528 -20.40 1.25 -11.15
N LEU A 529 -19.87 0.19 -10.56
CA LEU A 529 -18.50 0.16 -10.09
C LEU A 529 -17.67 -0.66 -11.07
N VAL A 530 -16.60 -0.06 -11.60
CA VAL A 530 -15.85 -0.64 -12.70
C VAL A 530 -14.41 -0.85 -12.28
N GLY A 531 -13.85 -2.00 -12.64
CA GLY A 531 -12.44 -2.26 -12.45
C GLY A 531 -12.06 -2.55 -11.01
N ASP A 532 -10.76 -2.81 -10.83
CA ASP A 532 -10.24 -3.04 -9.49
C ASP A 532 -10.25 -1.77 -8.65
N ASN A 533 -10.20 -0.60 -9.28
CA ASN A 533 -10.28 0.67 -8.58
C ASN A 533 -11.70 1.08 -8.24
N HIS A 534 -12.70 0.28 -8.61
CA HIS A 534 -14.10 0.53 -8.28
C HIS A 534 -14.56 1.91 -8.76
N ARG A 535 -14.16 2.28 -9.97
CA ARG A 535 -14.53 3.58 -10.51
C ARG A 535 -16.05 3.70 -10.56
N ALA A 536 -16.57 4.71 -9.88
CA ALA A 536 -18.01 4.86 -9.68
C ALA A 536 -18.64 5.59 -10.86
N PHE A 537 -19.76 5.04 -11.34
CA PHE A 537 -20.55 5.67 -12.39
C PHE A 537 -22.03 5.50 -12.04
N VAL A 538 -22.79 6.57 -12.22
CA VAL A 538 -24.20 6.60 -11.82
C VAL A 538 -25.07 6.24 -13.01
N HIS A 539 -26.00 5.31 -12.79
CA HIS A 539 -27.05 5.00 -13.76
C HIS A 539 -28.14 6.05 -13.63
N PHE A 540 -27.98 7.17 -14.35
CA PHE A 540 -28.94 8.26 -14.26
C PHE A 540 -30.33 7.85 -14.72
N ASP A 541 -30.43 6.82 -15.57
CA ASP A 541 -31.75 6.35 -15.99
C ASP A 541 -32.55 5.80 -14.81
N LYS A 542 -31.89 5.08 -13.91
CA LYS A 542 -32.58 4.22 -12.95
C LYS A 542 -32.87 4.89 -11.62
N LEU A 543 -32.19 5.99 -11.28
CA LEU A 543 -32.41 6.57 -9.95
C LEU A 543 -33.70 7.37 -9.85
N SER A 544 -34.37 7.65 -10.96
CA SER A 544 -35.68 8.30 -10.88
C SER A 544 -36.71 7.34 -10.29
N ASP A 545 -36.70 6.09 -10.74
CA ASP A 545 -37.63 5.08 -10.22
C ASP A 545 -37.22 4.55 -8.86
N TYR A 546 -35.91 4.55 -8.56
CA TYR A 546 -35.45 4.05 -7.27
C TYR A 546 -35.98 4.90 -6.12
N LEU A 547 -35.89 6.22 -6.25
CA LEU A 547 -36.47 7.09 -5.23
C LEU A 547 -37.96 6.89 -5.09
N ALA A 548 -38.64 6.56 -6.18
CA ALA A 548 -40.06 6.23 -6.10
C ALA A 548 -40.29 4.94 -5.31
N GLU A 549 -39.42 3.95 -5.51
CA GLU A 549 -39.52 2.69 -4.79
C GLU A 549 -38.88 2.73 -3.42
N HIS A 550 -38.01 3.71 -3.15
CA HIS A 550 -37.28 3.80 -1.89
C HIS A 550 -37.29 5.23 -1.40
N PRO A 551 -38.42 5.70 -0.88
CA PRO A 551 -38.49 7.07 -0.39
C PRO A 551 -37.91 7.20 1.01
N ASP A 552 -37.30 8.37 1.26
CA ASP A 552 -36.75 8.66 2.58
C ASP A 552 -37.86 8.64 3.62
N ASP A 553 -37.66 7.85 4.68
CA ASP A 553 -38.63 7.72 5.74
C ASP A 553 -38.03 8.02 7.12
N GLY A 554 -36.78 8.44 7.17
CA GLY A 554 -36.17 8.88 8.41
C GLY A 554 -35.53 7.79 9.24
N LYS A 555 -35.52 6.55 8.78
CA LYS A 555 -34.92 5.48 9.55
C LYS A 555 -33.41 5.65 9.60
N LEU A 556 -32.84 5.54 10.80
CA LEU A 556 -31.44 5.83 11.05
C LEU A 556 -30.62 4.56 11.16
N GLY A 557 -29.30 4.74 11.08
CA GLY A 557 -28.40 3.62 11.21
C GLY A 557 -28.60 2.59 10.11
N SER A 558 -28.29 1.35 10.43
CA SER A 558 -28.39 0.24 9.50
C SER A 558 -29.81 -0.04 9.03
N GLU A 559 -30.82 0.56 9.66
CA GLU A 559 -32.20 0.31 9.28
C GLU A 559 -32.68 1.19 8.13
N GLY A 560 -31.87 2.11 7.65
CA GLY A 560 -32.29 3.04 6.61
C GLY A 560 -31.65 2.85 5.26
N LEU A 561 -30.91 1.76 5.04
CA LEU A 561 -30.23 1.57 3.75
C LEU A 561 -31.21 1.32 2.61
N LEU A 562 -32.46 0.97 2.90
CA LEU A 562 -33.43 0.71 1.85
C LEU A 562 -34.37 1.89 1.64
N SER A 563 -34.08 3.04 2.23
CA SER A 563 -34.91 4.23 2.10
C SER A 563 -33.99 5.43 1.92
N GLY A 564 -34.16 6.14 0.81
CA GLY A 564 -33.28 7.23 0.47
C GLY A 564 -32.11 6.77 -0.37
N LEU A 565 -31.35 7.76 -0.86
CA LEU A 565 -30.19 7.49 -1.70
C LEU A 565 -29.15 8.57 -1.41
N ARG A 566 -28.13 8.22 -0.63
CA ARG A 566 -27.12 9.16 -0.19
C ARG A 566 -25.73 8.63 -0.50
N VAL A 567 -24.82 9.55 -0.82
CA VAL A 567 -23.44 9.23 -1.13
C VAL A 567 -22.54 10.08 -0.24
N SER A 569 -18.68 11.41 0.15
CA SER A 569 -17.37 11.53 -0.46
C SER A 569 -16.34 11.76 0.63
N VAL A 570 -15.14 11.22 0.43
CA VAL A 570 -14.10 11.20 1.45
C VAL A 570 -12.81 11.71 0.84
N ALA A 571 -12.20 12.70 1.48
CA ALA A 571 -10.91 13.24 1.07
C ALA A 571 -9.87 12.84 2.11
N LEU A 572 -9.10 11.79 1.80
CA LEU A 572 -8.04 11.36 2.69
C LEU A 572 -6.92 12.39 2.72
N GLY A 573 -6.30 12.52 3.89
CA GLY A 573 -5.19 13.45 4.05
C GLY A 573 -4.30 13.02 5.19
N LEU A 574 -3.23 13.77 5.37
CA LEU A 574 -2.27 13.54 6.45
C LEU A 574 -2.61 14.38 7.68
N ARG A 575 -2.90 15.66 7.48
CA ARG A 575 -3.29 16.53 8.58
C ARG A 575 -4.60 16.07 9.21
N THR A 576 -5.63 15.90 8.39
CA THR A 576 -6.88 15.28 8.80
C THR A 576 -7.03 13.97 8.04
N SER A 577 -7.24 12.87 8.77
CA SER A 577 -7.24 11.56 8.13
C SER A 577 -8.35 11.47 7.07
N ALA A 578 -9.51 12.03 7.36
CA ALA A 578 -10.64 11.94 6.43
C ALA A 578 -11.52 13.17 6.59
N SER A 579 -11.91 13.74 5.45
CA SER A 579 -12.87 14.84 5.40
C SER A 579 -14.01 14.42 4.49
N ILE A 580 -15.23 14.46 5.01
CA ILE A 580 -16.37 13.88 4.34
C ILE A 580 -17.43 14.94 4.10
N SER A 581 -18.29 14.68 3.12
CA SER A 581 -19.48 15.48 2.89
C SER A 581 -20.55 14.56 2.34
N VAL A 582 -21.75 14.67 2.90
CA VAL A 582 -22.86 13.77 2.61
C VAL A 582 -23.86 14.51 1.76
N PHE A 583 -24.33 13.86 0.69
CA PHE A 583 -25.32 14.43 -0.21
C PHE A 583 -26.48 13.46 -0.36
N ARG A 584 -27.67 14.01 -0.53
CA ARG A 584 -28.89 13.22 -0.67
C ARG A 584 -29.55 13.55 -2.00
N VAL A 585 -30.02 12.50 -2.69
CA VAL A 585 -30.78 12.70 -3.91
C VAL A 585 -32.21 13.06 -3.54
N ALA A 586 -32.73 14.14 -4.13
CA ALA A 586 -34.06 14.62 -3.77
C ALA A 586 -34.64 15.41 -4.94
N ARG A 587 -35.96 15.52 -4.96
CA ARG A 587 -36.63 16.34 -5.96
C ARG A 587 -36.33 17.81 -5.69
N LYS A 588 -36.20 18.60 -6.76
CA LYS A 588 -35.96 20.02 -6.59
C LYS A 588 -37.12 20.73 -5.90
N ASP A 589 -38.27 20.07 -5.75
CA ASP A 589 -39.39 20.57 -4.95
C ASP A 589 -39.03 20.40 -3.48
N GLU A 590 -38.23 21.34 -2.98
CA GLU A 590 -37.75 21.31 -1.60
C GLU A 590 -38.09 22.66 -0.96
N LEU A 591 -37.38 22.99 0.12
CA LEU A 591 -37.71 24.18 0.90
C LEU A 591 -36.47 24.61 1.69
N LYS A 592 -36.67 25.47 2.70
CA LYS A 592 -35.66 26.07 3.54
C LYS A 592 -35.40 25.23 4.79
N PRO A 593 -34.25 25.41 5.43
CA PRO A 593 -33.84 24.53 6.53
C PRO A 593 -34.25 25.06 7.90
N ASN A 594 -33.95 24.25 8.91
CA ASN A 594 -34.44 24.46 10.27
C ASN A 594 -33.70 25.57 11.00
N SER A 595 -32.52 25.98 10.52
CA SER A 595 -31.65 26.86 11.30
C SER A 595 -32.05 28.32 11.10
N LYS A 596 -31.69 28.91 9.95
CA LYS A 596 -31.99 30.31 9.71
C LYS A 596 -32.61 30.55 8.33
N GLY A 597 -33.10 29.49 7.69
CA GLY A 597 -33.80 29.63 6.42
C GLY A 597 -32.91 30.06 5.27
N ARG A 598 -31.94 29.22 4.93
CA ARG A 598 -30.97 29.48 3.86
C ARG A 598 -31.08 28.35 2.85
N VAL A 599 -31.33 28.69 1.59
CA VAL A 599 -31.51 27.70 0.53
C VAL A 599 -30.33 26.75 0.56
N PRO A 600 -30.57 25.44 0.61
CA PRO A 600 -29.47 24.49 0.81
C PRO A 600 -28.61 24.35 -0.45
N PHE A 601 -27.38 23.89 -0.23
CA PHE A 601 -26.44 23.68 -1.31
C PHE A 601 -26.77 22.39 -2.02
N PHE A 602 -26.84 22.44 -3.36
CA PHE A 602 -27.13 21.25 -4.12
C PHE A 602 -26.34 21.27 -5.43
N PHE A 603 -26.23 20.09 -6.04
CA PHE A 603 -25.59 19.91 -7.33
C PHE A 603 -26.59 19.39 -8.34
N PRO A 604 -26.59 19.89 -9.57
CA PRO A 604 -27.44 19.31 -10.59
C PRO A 604 -27.03 17.88 -10.91
N ILE A 605 -28.01 17.08 -11.28
CA ILE A 605 -27.79 15.68 -11.63
C ILE A 605 -28.05 15.52 -13.12
N LYS A 606 -27.10 14.91 -13.82
CA LYS A 606 -27.24 14.70 -15.25
C LYS A 606 -28.45 13.81 -15.53
N GLY A 607 -29.18 14.15 -16.59
CA GLY A 607 -30.35 13.37 -16.98
C GLY A 607 -31.64 13.89 -16.38
N ASN A 608 -31.85 13.58 -15.10
CA ASN A 608 -33.07 14.00 -14.41
C ASN A 608 -33.00 15.49 -14.09
N ASP A 609 -33.94 16.26 -14.64
CA ASP A 609 -34.05 17.66 -14.28
C ASP A 609 -34.88 17.89 -13.03
N ASN A 610 -35.65 16.89 -12.60
CA ASN A 610 -36.45 17.02 -11.40
C ASN A 610 -35.65 16.73 -10.13
N LEU A 611 -34.53 16.06 -10.24
CA LEU A 611 -33.75 15.59 -9.10
C LEU A 611 -32.45 16.39 -8.97
N VAL A 612 -32.05 16.63 -7.72
CA VAL A 612 -30.80 17.29 -7.40
C VAL A 612 -30.10 16.49 -6.30
N ALA A 613 -28.85 16.86 -6.03
CA ALA A 613 -28.06 16.24 -4.97
C ALA A 613 -27.89 17.28 -3.86
N VAL A 614 -28.68 17.15 -2.80
CA VAL A 614 -28.72 18.13 -1.73
C VAL A 614 -27.64 17.82 -0.71
N HIS A 615 -26.86 18.84 -0.34
CA HIS A 615 -25.85 18.67 0.69
C HIS A 615 -26.50 18.52 2.06
N GLU A 616 -26.14 17.44 2.77
CA GLU A 616 -26.65 17.19 4.12
C GLU A 616 -25.71 17.69 5.20
N ARG A 617 -24.45 17.26 5.17
CA ARG A 617 -23.49 17.67 6.18
C ARG A 617 -22.09 17.49 5.64
N SER A 618 -21.15 18.22 6.25
CA SER A 618 -19.73 18.00 6.06
C SER A 618 -19.06 17.93 7.42
N GLN A 619 -18.02 17.11 7.50
CA GLN A 619 -17.36 16.86 8.77
C GLN A 619 -15.91 16.54 8.53
N LEU A 620 -15.07 16.88 9.51
CA LEU A 620 -13.68 16.47 9.54
C LEU A 620 -13.56 15.25 10.44
N LEU A 621 -13.32 14.08 9.83
CA LEU A 621 -13.18 12.84 10.60
C LEU A 621 -11.74 12.72 11.08
N LYS A 622 -11.40 13.58 12.03
CA LYS A 622 -10.07 13.55 12.62
C LYS A 622 -9.94 12.32 13.52
N LEU A 623 -8.88 11.54 13.29
CA LEU A 623 -8.48 10.56 14.27
C LEU A 623 -7.85 11.28 15.45
N PRO A 624 -7.83 10.63 16.62
CA PRO A 624 -7.19 11.25 17.79
C PRO A 624 -5.76 11.68 17.49
N GLY A 625 -5.39 12.85 18.01
CA GLY A 625 -4.07 13.41 17.84
C GLY A 625 -3.93 14.41 16.73
N GLU A 626 -4.99 14.63 15.94
CA GLU A 626 -4.96 15.57 14.83
C GLU A 626 -5.59 16.91 15.19
N THR A 627 -5.58 17.27 16.47
CA THR A 627 -5.97 18.60 16.91
C THR A 627 -4.72 19.43 17.16
N GLU A 628 -4.92 20.66 17.67
CA GLU A 628 -3.79 21.54 17.89
C GLU A 628 -4.20 22.66 18.85
N SER A 629 -3.29 23.00 19.76
CA SER A 629 -3.52 24.06 20.73
C SER A 629 -2.17 24.54 21.24
N LYS A 630 -2.22 25.63 22.00
CA LYS A 630 -1.00 26.20 22.58
C LYS A 630 -0.25 25.16 23.39
N ASP A 631 -0.94 24.53 24.34
CA ASP A 631 -0.29 23.54 25.20
C ASP A 631 0.11 22.30 24.41
N LEU A 632 -0.75 21.84 23.50
CA LEU A 632 -0.40 20.69 22.68
C LEU A 632 0.85 20.97 21.84
N ARG A 633 0.91 22.16 21.24
CA ARG A 633 2.10 22.55 20.49
C ARG A 633 3.34 22.49 21.37
N ALA A 634 3.22 22.91 22.64
CA ALA A 634 4.36 22.91 23.54
C ALA A 634 4.84 21.49 23.85
N ILE A 635 3.91 20.61 24.21
CA ILE A 635 4.28 19.23 24.57
C ILE A 635 4.93 18.53 23.39
N ARG A 636 4.37 18.72 22.19
CA ARG A 636 4.96 18.11 21.00
C ARG A 636 6.36 18.64 20.72
N GLU A 637 6.62 19.90 21.08
CA GLU A 637 7.99 20.42 20.94
C GLU A 637 8.90 19.80 21.98
N GLU A 638 8.44 19.71 23.23
CA GLU A 638 9.28 19.18 24.30
C GLU A 638 9.53 17.69 24.13
N ARG A 639 8.55 16.94 23.61
CA ARG A 639 8.72 15.50 23.47
C ARG A 639 9.85 15.12 22.52
N GLN A 640 10.29 16.06 21.68
CA GLN A 640 11.38 15.82 20.75
C GLN A 640 12.56 16.75 20.99
N ARG A 641 12.63 17.40 22.15
CA ARG A 641 13.69 18.36 22.42
C ARG A 641 15.05 17.68 22.47
N THR A 642 15.20 16.69 23.35
CA THR A 642 16.49 16.02 23.49
C THR A 642 16.85 15.22 22.24
N LEU A 643 15.85 14.68 21.53
CA LEU A 643 16.14 13.99 20.28
C LEU A 643 16.79 14.94 19.28
N ARG A 644 16.15 16.09 19.03
CA ARG A 644 16.71 17.04 18.07
C ARG A 644 18.06 17.57 18.53
N GLN A 645 18.29 17.62 19.84
CA GLN A 645 19.62 17.99 20.33
C GLN A 645 20.66 16.97 19.91
N LEU A 646 20.42 15.70 20.24
CA LEU A 646 21.39 14.66 19.92
C LEU A 646 21.61 14.55 18.42
N ARG A 647 20.57 14.79 17.62
CA ARG A 647 20.70 14.66 16.18
C ARG A 647 21.71 15.66 15.62
N THR A 648 21.64 16.92 16.06
CA THR A 648 22.60 17.90 15.59
C THR A 648 23.96 17.74 16.24
N GLN A 649 24.02 17.24 17.47
CA GLN A 649 25.31 16.94 18.08
C GLN A 649 26.07 15.89 17.27
N LEU A 650 25.36 14.85 16.81
CA LEU A 650 26.00 13.84 15.99
C LEU A 650 26.50 14.41 14.67
N ALA A 651 25.78 15.39 14.12
CA ALA A 651 26.16 15.94 12.81
C ALA A 651 27.50 16.67 12.87
N TYR A 652 27.81 17.27 14.02
CA TYR A 652 29.11 17.91 14.21
C TYR A 652 30.18 16.92 14.66
N LEU A 653 29.79 15.80 15.27
CA LEU A 653 30.76 14.76 15.56
C LEU A 653 31.38 14.23 14.27
N ARG A 654 30.56 14.05 13.23
CA ARG A 654 31.08 13.60 11.94
C ARG A 654 31.95 14.66 11.27
N LEU A 655 31.68 15.94 11.55
CA LEU A 655 32.59 16.98 11.07
C LEU A 655 33.94 16.88 11.75
N LEU A 656 33.95 16.55 13.04
CA LEU A 656 35.21 16.38 13.74
C LEU A 656 35.96 15.16 13.25
N VAL A 657 35.22 14.09 12.93
CA VAL A 657 35.85 12.85 12.46
C VAL A 657 36.58 13.10 11.14
N ARG A 658 35.97 13.86 10.23
CA ARG A 658 36.61 14.13 8.96
C ARG A 658 37.94 14.86 9.11
N CYS A 659 38.13 15.58 10.22
CA CYS A 659 39.38 16.31 10.44
C CYS A 659 40.56 15.37 10.66
N GLY A 660 40.29 14.09 10.90
CA GLY A 660 41.33 13.10 11.06
C GLY A 660 41.48 12.24 9.81
N SER A 661 41.16 12.82 8.66
CA SER A 661 41.30 12.09 7.40
C SER A 661 42.76 12.00 7.00
N GLU A 662 43.06 11.00 6.16
CA GLU A 662 44.38 10.86 5.56
C GLU A 662 44.52 11.64 4.26
N ASP A 663 43.49 12.41 3.90
CA ASP A 663 43.46 13.16 2.65
C ASP A 663 43.65 14.64 2.97
N VAL A 664 44.87 15.14 2.74
CA VAL A 664 45.08 16.58 2.80
C VAL A 664 44.21 17.24 1.76
N GLY A 665 43.51 18.30 2.17
CA GLY A 665 42.48 18.89 1.36
C GLY A 665 41.08 18.44 1.71
N ARG A 666 40.96 17.35 2.46
CA ARG A 666 39.71 16.97 3.11
C ARG A 666 39.68 17.40 4.56
N ARG A 667 40.72 17.06 5.34
CA ARG A 667 40.77 17.51 6.73
C ARG A 667 40.95 19.02 6.81
N GLU A 668 41.68 19.62 5.87
CA GLU A 668 41.84 21.06 5.88
C GLU A 668 40.53 21.77 5.56
N ARG A 669 39.80 21.27 4.56
CA ARG A 669 38.50 21.86 4.27
C ARG A 669 37.50 21.57 5.38
N SER A 670 37.67 20.46 6.09
CA SER A 670 36.79 20.12 7.20
C SER A 670 37.15 20.90 8.45
N TRP A 671 38.44 20.97 8.78
CA TRP A 671 38.88 21.74 9.94
C TRP A 671 38.53 23.22 9.77
N ALA A 672 38.40 23.68 8.53
CA ALA A 672 37.98 25.06 8.30
C ALA A 672 36.56 25.29 8.77
N LYS A 673 35.65 24.37 8.43
CA LYS A 673 34.25 24.53 8.79
C LYS A 673 34.02 24.51 10.29
N LEU A 674 34.97 24.01 11.07
CA LEU A 674 34.81 23.95 12.52
C LEU A 674 35.31 25.20 13.22
N ILE A 675 36.40 25.81 12.76
CA ILE A 675 36.94 26.97 13.44
C ILE A 675 36.49 28.30 12.83
N GLU A 676 35.99 28.27 11.59
CA GLU A 676 35.57 29.51 10.95
C GLU A 676 34.38 30.13 11.66
N GLN A 677 33.44 29.30 12.11
CA GLN A 677 32.19 29.76 12.68
C GLN A 677 32.07 29.36 14.14
N PRO A 678 31.26 30.07 14.93
CA PRO A 678 30.92 29.58 16.26
C PRO A 678 30.18 28.24 16.18
N VAL A 679 30.18 27.53 17.31
CA VAL A 679 29.75 26.14 17.31
C VAL A 679 28.24 26.03 17.16
N ASP A 680 27.49 26.81 17.94
CA ASP A 680 26.06 26.61 18.04
C ASP A 680 25.38 27.96 18.27
N ALA A 681 25.36 28.80 17.22
CA ALA A 681 24.67 30.08 17.32
C ALA A 681 23.16 29.90 17.40
N ALA A 682 22.64 28.78 16.93
CA ALA A 682 21.22 28.46 17.03
C ALA A 682 20.84 27.81 18.36
N ASN A 683 21.83 27.44 19.17
CA ASN A 683 21.60 26.82 20.48
C ASN A 683 20.75 25.56 20.34
N HIS A 684 21.16 24.69 19.43
CA HIS A 684 20.45 23.44 19.15
C HIS A 684 20.98 22.26 19.94
N THR A 686 22.98 20.37 23.41
CA THR A 686 22.90 20.47 24.87
C THR A 686 24.06 21.31 25.38
N PRO A 687 23.89 21.97 26.54
CA PRO A 687 24.97 22.83 27.03
C PRO A 687 26.25 22.07 27.35
N ASP A 688 26.16 21.00 28.13
CA ASP A 688 27.36 20.35 28.65
C ASP A 688 28.15 19.65 27.56
N TRP A 689 27.47 19.05 26.57
CA TRP A 689 28.20 18.41 25.49
C TRP A 689 28.81 19.44 24.55
N ARG A 690 28.12 20.57 24.34
CA ARG A 690 28.69 21.64 23.54
C ARG A 690 29.95 22.21 24.18
N GLU A 691 29.92 22.37 25.50
CA GLU A 691 31.12 22.85 26.20
C GLU A 691 32.27 21.87 26.03
N ALA A 692 31.98 20.57 26.10
CA ALA A 692 33.02 19.57 25.89
C ALA A 692 33.58 19.65 24.49
N PHE A 693 32.70 19.85 23.50
CA PHE A 693 33.13 19.98 22.11
C PHE A 693 33.97 21.23 21.91
N GLU A 694 33.60 22.33 22.55
CA GLU A 694 34.37 23.56 22.41
C GLU A 694 35.76 23.41 23.02
N ASN A 695 35.87 22.65 24.11
CA ASN A 695 37.19 22.40 24.70
C ASN A 695 38.10 21.67 23.72
N GLU A 696 37.57 20.65 23.05
CA GLU A 696 38.38 19.88 22.11
C GLU A 696 38.77 20.70 20.89
N LEU A 697 37.90 21.61 20.45
CA LEU A 697 38.25 22.47 19.33
C LEU A 697 39.41 23.39 19.68
N GLN A 698 39.28 24.13 20.78
CA GLN A 698 40.35 25.05 21.19
C GLN A 698 41.63 24.30 21.52
N LYS A 699 41.52 23.05 21.94
CA LYS A 699 42.72 22.24 22.15
C LYS A 699 43.40 21.92 20.84
N LEU A 700 42.62 21.60 19.80
CA LEU A 700 43.20 21.30 18.49
C LEU A 700 43.68 22.57 17.79
N LYS A 701 43.06 23.72 18.10
CA LYS A 701 43.51 24.97 17.51
C LYS A 701 44.93 25.31 17.94
N SER A 702 45.30 24.96 19.17
CA SER A 702 46.67 25.16 19.66
C SER A 702 47.62 24.06 19.21
N LEU A 703 47.17 23.15 18.35
CA LEU A 703 48.02 22.13 17.76
C LEU A 703 48.02 22.16 16.24
N HIS A 704 46.99 22.68 15.61
CA HIS A 704 46.92 22.74 14.15
C HIS A 704 48.06 23.58 13.58
N GLY A 705 48.80 23.00 12.64
CA GLY A 705 50.01 23.56 12.07
C GLY A 705 51.26 23.40 12.92
N ILE A 706 51.11 23.54 14.24
CA ILE A 706 52.25 23.38 15.13
C ILE A 706 52.77 21.94 15.07
N CYS A 707 51.87 20.98 14.98
CA CYS A 707 52.21 19.58 15.18
C CYS A 707 52.36 18.85 13.85
N SER A 708 52.67 17.56 13.95
CA SER A 708 52.84 16.69 12.79
C SER A 708 51.54 15.95 12.48
N ASP A 709 51.47 15.38 11.28
CA ASP A 709 50.24 14.75 10.82
C ASP A 709 49.86 13.57 11.71
N LYS A 710 50.77 12.63 11.90
CA LYS A 710 50.47 11.42 12.68
C LYS A 710 50.45 11.68 14.18
N GLU A 711 50.73 12.91 14.61
CA GLU A 711 50.52 13.32 15.99
C GLU A 711 49.25 14.15 16.15
N TRP A 712 48.90 14.93 15.13
CA TRP A 712 47.64 15.67 15.14
C TRP A 712 46.46 14.76 14.91
N ASP A 714 46.29 11.63 15.62
CA ASP A 714 46.10 10.82 16.81
C ASP A 714 45.33 11.58 17.89
N ALA A 715 45.49 12.91 17.95
CA ALA A 715 44.77 13.69 18.95
C ALA A 715 43.32 13.92 18.54
N VAL A 716 43.07 14.08 17.24
CA VAL A 716 41.70 14.23 16.76
C VAL A 716 40.88 12.99 17.10
N TYR A 717 41.46 11.80 16.91
CA TYR A 717 40.74 10.57 17.23
C TYR A 717 40.56 10.41 18.73
N GLU A 718 41.48 10.94 19.55
CA GLU A 718 41.33 10.86 20.98
C GLU A 718 40.32 11.88 21.51
N SER A 719 40.11 12.98 20.79
CA SER A 719 39.06 13.90 21.17
C SER A 719 37.70 13.44 20.69
N VAL A 720 37.64 12.62 19.65
CA VAL A 720 36.39 12.02 19.22
C VAL A 720 35.88 11.04 20.27
N ARG A 721 36.79 10.27 20.88
CA ARG A 721 36.37 9.31 21.89
C ARG A 721 35.77 10.01 23.11
N ARG A 722 36.45 11.04 23.61
CA ARG A 722 35.92 11.77 24.76
C ARG A 722 34.53 12.31 24.47
N VAL A 723 34.35 12.90 23.29
CA VAL A 723 33.07 13.51 22.96
C VAL A 723 32.03 12.44 22.61
N TRP A 724 32.45 11.33 22.01
CA TRP A 724 31.51 10.24 21.71
C TRP A 724 31.11 9.50 22.97
N ARG A 725 32.06 9.26 23.88
CA ARG A 725 31.73 8.64 25.15
C ARG A 725 30.83 9.54 25.99
N HIS A 726 31.03 10.86 25.92
CA HIS A 726 30.16 11.80 26.61
C HIS A 726 28.74 11.72 26.05
N GLY A 728 27.52 9.41 24.47
CA GLY A 728 27.01 8.07 24.67
C GLY A 728 26.20 7.94 25.95
N LYS A 729 26.62 8.64 27.00
CA LYS A 729 25.83 8.64 28.23
C LYS A 729 24.54 9.44 28.05
N GLN A 730 24.55 10.43 27.15
CA GLN A 730 23.32 11.18 26.89
C GLN A 730 22.31 10.34 26.12
N VAL A 731 22.78 9.52 25.18
CA VAL A 731 21.87 8.63 24.46
C VAL A 731 21.37 7.54 25.40
N ARG A 732 22.20 7.13 26.36
CA ARG A 732 21.76 6.11 27.31
C ARG A 732 20.61 6.61 28.17
N ASP A 733 20.72 7.83 28.69
CA ASP A 733 19.68 8.36 29.57
C ASP A 733 18.41 8.69 28.80
N TRP A 734 18.55 9.18 27.57
CA TRP A 734 17.38 9.51 26.76
C TRP A 734 16.51 8.28 26.53
N ARG A 735 17.14 7.13 26.26
CA ARG A 735 16.37 5.91 26.04
C ARG A 735 15.75 5.40 27.34
N LYS A 736 16.47 5.53 28.45
CA LYS A 736 15.88 5.19 29.74
C LYS A 736 14.58 5.94 29.97
N ASP A 737 14.56 7.23 29.63
CA ASP A 737 13.34 8.03 29.81
C ASP A 737 12.29 7.73 28.76
N VAL A 738 12.63 7.04 27.68
CA VAL A 738 11.65 6.70 26.65
C VAL A 738 10.91 5.43 26.99
N ARG A 739 11.61 4.38 27.40
CA ARG A 739 10.91 3.16 27.82
C ARG A 739 10.37 3.31 29.24
N SER A 740 11.26 3.37 30.22
CA SER A 740 10.84 3.39 31.61
C SER A 740 10.21 4.71 32.03
N GLY A 741 10.39 5.78 31.24
CA GLY A 741 9.91 7.09 31.63
C GLY A 741 8.46 7.17 32.05
N GLU A 742 8.18 8.06 33.00
CA GLU A 742 6.83 8.22 33.56
C GLU A 742 6.21 9.47 32.93
N ARG A 743 5.64 9.28 31.77
CA ARG A 743 4.91 10.38 31.14
C ARG A 743 3.42 10.23 31.39
N PRO A 744 2.68 11.35 31.38
CA PRO A 744 1.25 11.27 31.65
C PRO A 744 0.52 10.39 30.65
N LYS A 745 -0.44 9.63 31.15
CA LYS A 745 -1.20 8.68 30.33
C LYS A 745 -2.68 8.93 30.53
N ILE A 746 -3.42 8.96 29.42
CA ILE A 746 -4.85 9.29 29.49
C ILE A 746 -5.60 8.18 30.21
N ARG A 747 -6.68 8.56 30.89
CA ARG A 747 -7.61 7.62 31.49
C ARG A 747 -9.01 7.87 30.95
N GLY A 748 -9.63 6.82 30.43
CA GLY A 748 -10.94 6.96 29.84
C GLY A 748 -10.84 7.60 28.47
N TYR A 749 -11.95 8.18 28.04
CA TYR A 749 -11.98 8.93 26.79
C TYR A 749 -11.57 10.37 27.05
N ALA A 750 -10.72 10.90 26.18
CA ALA A 750 -10.34 12.30 26.24
C ALA A 750 -10.01 12.79 24.85
N LYS A 751 -10.56 13.95 24.49
CA LYS A 751 -10.22 14.59 23.23
C LYS A 751 -8.92 15.38 23.38
N ASP A 752 -8.38 15.81 22.24
CA ASP A 752 -7.16 16.62 22.20
C ASP A 752 -6.02 15.94 22.92
N VAL A 753 -5.46 14.91 22.29
CA VAL A 753 -4.34 14.17 22.83
C VAL A 753 -3.07 14.60 22.09
N VAL A 754 -1.91 14.21 22.63
CA VAL A 754 -0.60 14.57 22.09
C VAL A 754 -0.38 13.88 20.75
N GLY A 755 -0.32 12.55 20.77
CA GLY A 755 -0.05 11.80 19.57
C GLY A 755 -1.27 11.12 18.98
N GLY A 756 -1.87 10.21 19.75
CA GLY A 756 -3.04 9.54 19.23
C GLY A 756 -2.70 8.69 18.03
N ASN A 757 -3.60 8.71 17.04
CA ASN A 757 -3.47 7.93 15.81
C ASN A 757 -3.05 8.78 14.64
N SER A 758 -2.29 9.84 14.91
CA SER A 758 -1.86 10.81 13.91
C SER A 758 -0.59 10.34 13.20
N ILE A 759 -0.37 10.92 12.02
CA ILE A 759 0.89 10.69 11.32
C ILE A 759 2.06 11.16 12.15
N GLU A 760 1.90 12.29 12.85
CA GLU A 760 3.03 12.89 13.55
C GLU A 760 3.55 12.00 14.67
N GLN A 761 2.66 11.29 15.35
CA GLN A 761 3.14 10.41 16.42
C GLN A 761 3.87 9.20 15.87
N ILE A 762 3.37 8.64 14.77
CA ILE A 762 4.08 7.53 14.13
C ILE A 762 5.44 8.00 13.65
N GLU A 763 5.52 9.24 13.16
CA GLU A 763 6.81 9.78 12.75
C GLU A 763 7.65 10.16 13.95
N TYR A 764 7.02 10.56 15.05
CA TYR A 764 7.74 10.70 16.32
C TYR A 764 8.44 9.40 16.70
N LEU A 765 7.78 8.27 16.44
CA LEU A 765 8.41 6.97 16.63
C LEU A 765 9.46 6.71 15.56
N GLU A 766 9.13 6.97 14.29
CA GLU A 766 10.07 6.76 13.20
C GLU A 766 11.33 7.58 13.39
N ARG A 767 11.19 8.81 13.87
CA ARG A 767 12.36 9.67 14.06
C ARG A 767 13.34 9.03 15.04
N GLN A 768 12.83 8.37 16.09
CA GLN A 768 13.71 7.72 17.06
C GLN A 768 14.47 6.56 16.43
N TYR A 769 13.79 5.79 15.58
CA TYR A 769 14.47 4.68 14.91
C TYR A 769 15.61 5.20 14.04
N LYS A 770 15.32 6.21 13.20
CA LYS A 770 16.34 6.72 12.29
C LYS A 770 17.55 7.26 13.03
N PHE A 771 17.34 7.95 14.15
CA PHE A 771 18.49 8.46 14.90
C PHE A 771 19.29 7.33 15.51
N LEU A 772 18.60 6.34 16.11
CA LEU A 772 19.31 5.21 16.71
C LEU A 772 20.11 4.45 15.67
N LYS A 773 19.53 4.24 14.49
CA LYS A 773 20.28 3.65 13.38
C LYS A 773 21.51 4.49 13.07
N SER A 774 21.34 5.81 13.00
CA SER A 774 22.47 6.70 12.70
C SER A 774 23.48 6.71 13.83
N TRP A 775 23.03 6.53 15.08
CA TRP A 775 23.95 6.51 16.20
C TRP A 775 24.76 5.21 16.24
N SER A 776 24.10 4.07 16.03
CA SER A 776 24.80 2.79 16.08
C SER A 776 25.76 2.63 14.91
N PHE A 777 25.43 3.16 13.74
CA PHE A 777 26.27 3.03 12.57
C PHE A 777 27.18 4.24 12.37
N PHE A 778 27.29 5.09 13.38
CA PHE A 778 28.25 6.18 13.36
C PHE A 778 29.67 5.62 13.37
N GLY A 779 30.54 6.21 12.55
CA GLY A 779 31.90 5.73 12.38
C GLY A 779 32.91 6.74 12.92
N LYS A 780 33.83 6.24 13.76
CA LYS A 780 34.93 7.04 14.28
C LYS A 780 36.09 7.19 13.31
N VAL A 781 36.11 6.43 12.21
CA VAL A 781 37.16 6.52 11.21
C VAL A 781 36.56 7.17 9.97
N SER A 782 37.15 8.30 9.55
CA SER A 782 36.60 9.03 8.42
C SER A 782 36.75 8.23 7.14
N GLY A 783 35.68 8.21 6.34
CA GLY A 783 35.69 7.54 5.06
C GLY A 783 35.12 6.14 5.06
N GLN A 784 35.00 5.50 6.22
CA GLN A 784 34.56 4.11 6.28
C GLN A 784 33.04 4.01 6.23
N VAL A 785 32.56 3.03 5.47
CA VAL A 785 31.14 2.73 5.36
C VAL A 785 30.78 1.66 6.37
N ILE A 786 29.75 1.92 7.18
CA ILE A 786 29.26 0.95 8.16
C ILE A 786 27.80 0.66 7.83
N ARG A 787 27.54 -0.57 7.38
CA ARG A 787 26.19 -1.04 7.13
C ARG A 787 25.82 -2.12 8.14
N ALA A 788 24.54 -2.50 8.13
CA ALA A 788 24.10 -3.61 8.98
C ALA A 788 24.62 -4.93 8.43
N GLU A 789 24.77 -5.90 9.33
CA GLU A 789 25.30 -7.21 8.95
C GLU A 789 24.20 -8.07 8.32
N LYS A 790 24.63 -9.10 7.58
CA LYS A 790 23.79 -9.79 6.61
C LYS A 790 22.55 -10.47 7.18
N GLY A 791 22.36 -10.44 8.49
CA GLY A 791 21.16 -11.02 9.05
C GLY A 791 20.70 -10.36 10.32
N SER A 792 21.08 -9.10 10.50
CA SER A 792 20.86 -8.42 11.76
C SER A 792 19.44 -7.89 11.85
N ARG A 793 19.03 -7.61 13.09
CA ARG A 793 17.79 -6.90 13.36
C ARG A 793 18.11 -5.71 14.24
N PHE A 794 17.41 -4.60 14.01
CA PHE A 794 17.68 -3.36 14.74
C PHE A 794 16.39 -2.85 15.36
N ALA A 795 16.46 -2.51 16.64
CA ALA A 795 15.33 -1.95 17.40
C ALA A 795 14.07 -2.77 17.15
N ILE A 796 14.17 -4.05 17.46
CA ILE A 796 13.09 -4.99 17.13
C ILE A 796 11.79 -4.53 17.78
N THR A 797 11.84 -4.22 19.07
CA THR A 797 10.61 -3.91 19.80
C THR A 797 10.07 -2.53 19.42
N LEU A 798 10.94 -1.56 19.18
CA LEU A 798 10.49 -0.27 18.67
C LEU A 798 9.90 -0.40 17.27
N ARG A 799 10.56 -1.19 16.40
CA ARG A 799 10.03 -1.43 15.06
C ARG A 799 8.67 -2.08 15.11
N GLU A 800 8.50 -3.08 15.98
CA GLU A 800 7.19 -3.71 16.14
C GLU A 800 6.16 -2.74 16.69
N HIS A 801 6.58 -1.77 17.50
CA HIS A 801 5.65 -0.76 17.98
C HIS A 801 5.22 0.17 16.86
N ILE A 802 6.16 0.59 16.02
CA ILE A 802 5.81 1.46 14.90
C ILE A 802 4.82 0.76 13.99
N ASP A 803 5.07 -0.51 13.68
CA ASP A 803 4.17 -1.23 12.76
C ASP A 803 2.79 -1.41 13.38
N HIS A 804 2.72 -1.79 14.65
CA HIS A 804 1.43 -1.90 15.31
C HIS A 804 0.70 -0.56 15.32
N ALA A 805 1.45 0.53 15.50
CA ALA A 805 0.84 1.85 15.52
C ALA A 805 0.19 2.18 14.17
N LYS A 806 0.84 1.81 13.07
CA LYS A 806 0.26 2.06 11.76
C LYS A 806 -0.94 1.15 11.51
N GLU A 807 -0.87 -0.09 12.02
CA GLU A 807 -1.99 -1.02 11.88
C GLU A 807 -3.22 -0.50 12.60
N ASP A 808 -3.05 0.00 13.82
CA ASP A 808 -4.17 0.51 14.59
C ASP A 808 -4.75 1.76 13.93
N ARG A 809 -3.89 2.64 13.42
CA ARG A 809 -4.36 3.82 12.72
C ARG A 809 -5.19 3.43 11.51
N LEU A 810 -4.73 2.42 10.76
CA LEU A 810 -5.41 2.01 9.53
C LEU A 810 -6.81 1.47 9.81
N LYS A 811 -6.95 0.64 10.84
CA LYS A 811 -8.23 0.02 11.11
C LYS A 811 -9.20 1.02 11.73
N LYS A 812 -8.71 1.93 12.56
CA LYS A 812 -9.59 2.92 13.16
C LYS A 812 -10.00 3.98 12.14
N LEU A 813 -9.14 4.26 11.16
CA LEU A 813 -9.50 5.17 10.07
C LEU A 813 -10.67 4.61 9.27
N ALA A 814 -10.54 3.37 8.80
CA ALA A 814 -11.62 2.76 8.03
C ALA A 814 -12.90 2.64 8.84
N ASP A 815 -12.80 2.30 10.12
CA ASP A 815 -14.01 2.17 10.92
C ASP A 815 -14.70 3.51 11.09
N ARG A 816 -13.92 4.57 11.34
CA ARG A 816 -14.53 5.91 11.45
C ARG A 816 -15.27 6.27 10.18
N ILE A 817 -14.67 6.00 9.01
CA ILE A 817 -15.32 6.33 7.75
C ILE A 817 -16.62 5.55 7.61
N ILE A 818 -16.61 4.28 7.99
CA ILE A 818 -17.78 3.42 7.80
C ILE A 818 -18.86 3.79 8.81
N GLU A 820 -19.41 6.66 10.13
CA GLU A 820 -20.02 7.89 9.66
C GLU A 820 -20.92 7.66 8.45
N ALA A 821 -20.45 6.83 7.50
CA ALA A 821 -21.27 6.53 6.34
C ALA A 821 -22.61 5.88 6.74
N LEU A 822 -22.57 4.96 7.69
CA LEU A 822 -23.80 4.32 8.16
C LEU A 822 -24.66 5.27 8.98
N GLY A 823 -24.11 6.38 9.46
CA GLY A 823 -24.86 7.34 10.23
C GLY A 823 -24.69 7.25 11.73
N TYR A 824 -23.58 6.71 12.20
CA TYR A 824 -23.31 6.57 13.63
C TYR A 824 -22.28 7.59 14.07
N VAL A 825 -22.49 8.17 15.25
CA VAL A 825 -21.60 9.17 15.82
C VAL A 825 -21.30 8.78 17.26
N TYR A 826 -20.02 8.71 17.61
CA TYR A 826 -19.59 8.43 18.97
C TYR A 826 -19.77 9.71 19.80
N ALA A 827 -20.75 9.70 20.71
CA ALA A 827 -21.12 10.88 21.47
C ALA A 827 -20.97 10.63 22.96
N LEU A 828 -20.57 11.67 23.69
CA LEU A 828 -20.34 11.59 25.11
C LEU A 828 -21.59 12.01 25.89
N ASP A 829 -21.73 11.44 27.09
CA ASP A 829 -22.86 11.74 27.95
C ASP A 829 -22.39 12.08 29.36
N GLU A 830 -21.23 11.52 29.75
CA GLU A 830 -20.65 11.66 31.08
C GLU A 830 -21.51 11.00 32.15
N ARG A 831 -22.74 10.64 31.78
CA ARG A 831 -23.51 9.66 32.52
C ARG A 831 -23.37 8.27 31.91
N GLY A 832 -23.05 8.20 30.62
CA GLY A 832 -22.70 6.96 29.95
C GLY A 832 -21.26 6.98 29.48
N LYS A 833 -20.74 8.19 29.20
CA LYS A 833 -19.34 8.42 28.85
C LYS A 833 -18.96 7.75 27.54
N GLY A 834 -19.69 8.10 26.48
CA GLY A 834 -19.30 7.66 25.17
C GLY A 834 -20.00 6.39 24.68
N LYS A 835 -20.77 6.54 23.61
CA LYS A 835 -21.56 5.45 23.08
C LYS A 835 -21.91 5.76 21.64
N TRP A 836 -21.89 4.73 20.79
CA TRP A 836 -22.32 4.92 19.41
C TRP A 836 -23.83 5.09 19.35
N VAL A 837 -24.26 6.11 18.63
CA VAL A 837 -25.67 6.43 18.47
C VAL A 837 -25.94 6.57 16.98
N ALA A 838 -27.14 6.16 16.55
CA ALA A 838 -27.56 6.34 15.17
C ALA A 838 -28.20 7.72 15.04
N LYS A 839 -27.44 8.67 14.49
CA LYS A 839 -27.89 10.05 14.38
C LYS A 839 -28.42 10.42 13.00
N TYR A 840 -27.93 9.79 11.93
CA TYR A 840 -28.27 10.21 10.59
C TYR A 840 -28.74 9.01 9.76
N PRO A 841 -29.49 9.26 8.68
CA PRO A 841 -29.74 8.21 7.71
C PRO A 841 -28.44 7.79 7.04
N PRO A 842 -28.30 6.52 6.67
CA PRO A 842 -27.04 6.04 6.13
C PRO A 842 -26.85 6.41 4.67
N CYS A 843 -25.59 6.30 4.23
CA CYS A 843 -25.21 6.49 2.85
C CYS A 843 -24.94 5.13 2.22
N GLN A 844 -25.51 4.90 1.03
CA GLN A 844 -25.31 3.62 0.37
C GLN A 844 -23.96 3.52 -0.35
N LEU A 845 -23.29 4.64 -0.57
CA LEU A 845 -22.03 4.64 -1.30
C LEU A 845 -21.02 5.54 -0.60
N ILE A 846 -19.79 5.07 -0.52
CA ILE A 846 -18.64 5.86 -0.06
C ILE A 846 -17.79 6.18 -1.28
N LEU A 847 -17.65 7.46 -1.58
CA LEU A 847 -16.98 7.91 -2.81
C LEU A 847 -15.60 8.46 -2.45
N LEU A 848 -14.56 7.69 -2.75
CA LEU A 848 -13.20 8.13 -2.52
C LEU A 848 -12.62 8.74 -3.79
N ALA A 849 -11.44 9.33 -3.66
CA ALA A 849 -10.72 9.82 -4.83
C ALA A 849 -9.96 8.68 -5.48
N GLU A 850 -9.96 8.66 -6.81
CA GLU A 850 -9.21 7.67 -7.57
C GLU A 850 -7.73 8.04 -7.51
N LEU A 851 -6.96 7.34 -6.67
CA LEU A 851 -5.55 7.64 -6.50
C LEU A 851 -4.68 6.40 -6.70
N SER A 852 -5.12 5.46 -7.53
CA SER A 852 -4.33 4.26 -7.78
C SER A 852 -3.00 4.60 -8.43
N GLU A 853 -2.96 5.62 -9.28
CA GLU A 853 -1.71 5.98 -9.95
C GLU A 853 -0.80 6.84 -9.09
N TYR A 854 -1.27 7.29 -7.93
CA TYR A 854 -0.43 8.06 -7.01
C TYR A 854 0.40 7.10 -6.17
N GLN A 855 1.38 6.50 -6.83
CA GLN A 855 2.21 5.46 -6.24
C GLN A 855 3.59 6.01 -5.92
N PHE A 856 4.36 5.23 -5.16
CA PHE A 856 5.76 5.56 -4.96
C PHE A 856 6.50 5.33 -6.27
N ASN A 857 7.35 6.29 -6.62
CA ASN A 857 8.03 6.27 -7.90
C ASN A 857 9.37 6.96 -7.73
N ASN A 858 10.39 6.44 -8.42
CA ASN A 858 11.72 7.03 -8.31
C ASN A 858 11.79 8.44 -8.87
N ASP A 859 10.87 8.80 -9.78
CA ASP A 859 10.83 10.18 -10.25
C ASP A 859 10.42 11.15 -9.14
N ARG A 860 9.67 10.67 -8.15
CA ARG A 860 9.29 11.55 -7.05
C ARG A 860 10.48 11.74 -6.10
N PRO A 861 10.63 12.92 -5.50
CA PRO A 861 11.67 13.09 -4.50
C PRO A 861 11.42 12.17 -3.33
N PRO A 862 12.47 11.75 -2.62
CA PRO A 862 12.28 10.77 -1.53
C PRO A 862 11.35 11.28 -0.43
N SER A 863 11.38 12.58 -0.13
CA SER A 863 10.48 13.10 0.90
C SER A 863 9.03 12.97 0.50
N GLU A 864 8.72 13.04 -0.80
CA GLU A 864 7.35 12.83 -1.25
C GLU A 864 7.00 11.36 -1.26
N ASN A 865 7.93 10.50 -1.67
CA ASN A 865 7.71 9.07 -1.53
C ASN A 865 7.50 8.69 -0.07
N ASN A 866 8.30 9.26 0.83
CA ASN A 866 8.16 8.93 2.25
C ASN A 866 6.76 9.24 2.76
N GLN A 867 6.22 10.41 2.39
CA GLN A 867 4.88 10.76 2.86
C GLN A 867 3.84 9.81 2.31
N LEU A 868 3.99 9.39 1.05
CA LEU A 868 3.04 8.46 0.47
C LEU A 868 3.01 7.14 1.22
N GLN A 870 3.96 6.94 4.62
CA GLN A 870 3.28 7.34 5.84
C GLN A 870 1.78 7.38 5.64
N TRP A 871 1.34 8.04 4.56
CA TRP A 871 -0.08 8.10 4.24
C TRP A 871 -0.63 6.71 3.97
N SER A 872 -0.04 6.02 3.00
CA SER A 872 -0.51 4.71 2.52
C SER A 872 -2.02 4.72 2.30
N HIS A 873 -2.43 5.50 1.30
CA HIS A 873 -3.85 5.66 1.02
C HIS A 873 -4.46 4.40 0.42
N ARG A 874 -3.69 3.67 -0.39
CA ARG A 874 -4.19 2.43 -0.97
C ARG A 874 -4.49 1.41 0.12
N GLY A 875 -3.67 1.36 1.17
CA GLY A 875 -4.00 0.56 2.32
C GLY A 875 -5.32 0.96 2.95
N VAL A 876 -5.57 2.27 3.07
CA VAL A 876 -6.85 2.74 3.58
C VAL A 876 -7.98 2.28 2.68
N PHE A 877 -7.76 2.35 1.36
CA PHE A 877 -8.77 1.97 0.39
C PHE A 877 -9.09 0.48 0.48
N GLN A 878 -8.07 -0.36 0.67
CA GLN A 878 -8.31 -1.79 0.76
C GLN A 878 -8.96 -2.17 2.08
N GLU A 879 -8.58 -1.49 3.17
CA GLU A 879 -9.20 -1.76 4.45
C GLU A 879 -10.66 -1.32 4.45
N LEU A 880 -10.99 -0.29 3.67
CA LEU A 880 -12.39 0.12 3.56
C LEU A 880 -13.23 -0.95 2.90
N ILE A 881 -12.75 -1.51 1.78
CA ILE A 881 -13.50 -2.54 1.07
C ILE A 881 -13.71 -3.75 1.97
N ASN A 882 -12.69 -4.11 2.76
CA ASN A 882 -12.83 -5.19 3.73
C ASN A 882 -13.96 -4.90 4.70
N GLN A 883 -13.88 -3.78 5.41
CA GLN A 883 -14.78 -3.51 6.52
C GLN A 883 -16.19 -3.17 6.04
N ALA A 884 -16.37 -2.84 4.77
CA ALA A 884 -17.68 -2.44 4.28
C ALA A 884 -18.55 -3.62 3.87
N GLN A 885 -17.97 -4.81 3.70
CA GLN A 885 -18.71 -5.92 3.10
C GLN A 885 -19.94 -6.27 3.91
N VAL A 886 -19.78 -6.41 5.24
CA VAL A 886 -20.87 -6.85 6.09
C VAL A 886 -22.01 -5.83 6.11
N HIS A 887 -21.69 -4.55 5.95
CA HIS A 887 -22.67 -3.50 6.09
C HIS A 887 -23.41 -3.17 4.80
N ASP A 888 -23.08 -3.86 3.70
CA ASP A 888 -23.68 -3.59 2.39
C ASP A 888 -23.39 -2.17 1.91
N LEU A 889 -22.22 -1.63 2.26
CA LEU A 889 -21.78 -0.32 1.81
C LEU A 889 -20.90 -0.45 0.59
N LEU A 890 -21.23 0.28 -0.47
CA LEU A 890 -20.40 0.33 -1.66
C LEU A 890 -19.31 1.39 -1.47
N VAL A 891 -18.07 1.04 -1.78
CA VAL A 891 -17.00 2.02 -1.84
C VAL A 891 -16.53 2.12 -3.28
N GLY A 892 -16.58 3.34 -3.82
CA GLY A 892 -16.13 3.60 -5.17
C GLY A 892 -15.18 4.78 -5.19
N THR A 893 -14.59 5.01 -6.36
CA THR A 893 -13.63 6.08 -6.55
C THR A 893 -14.13 7.05 -7.61
N TYR A 895 -12.59 10.18 -10.42
CA TYR A 895 -11.45 10.80 -11.07
C TYR A 895 -11.06 12.08 -10.34
N ALA A 896 -9.84 12.12 -9.82
CA ALA A 896 -9.46 13.11 -8.81
C ALA A 896 -8.56 14.22 -9.34
N ALA A 897 -8.27 14.23 -10.64
CA ALA A 897 -7.33 15.22 -11.17
C ALA A 897 -7.93 16.62 -11.05
N PHE A 898 -7.18 17.52 -10.42
CA PHE A 898 -7.61 18.88 -10.13
C PHE A 898 -8.79 18.95 -9.18
N SER A 899 -9.02 17.92 -8.36
CA SER A 899 -10.11 17.96 -7.39
C SER A 899 -9.86 18.99 -6.29
N SER A 900 -8.60 19.29 -6.01
CA SER A 900 -8.24 20.24 -4.97
C SER A 900 -7.86 21.61 -5.53
N ARG A 901 -7.90 21.80 -6.85
CA ARG A 901 -7.46 23.03 -7.47
C ARG A 901 -8.57 23.82 -8.14
N PHE A 902 -9.80 23.29 -8.16
CA PHE A 902 -10.96 23.98 -8.70
C PHE A 902 -12.06 24.05 -7.65
N ASP A 903 -12.85 25.12 -7.72
CA ASP A 903 -13.92 25.34 -6.75
C ASP A 903 -15.06 24.36 -6.98
N ALA A 904 -15.54 23.73 -5.91
CA ALA A 904 -16.64 22.79 -6.05
C ALA A 904 -17.96 23.52 -6.25
N ARG A 905 -18.12 24.69 -5.65
CA ARG A 905 -19.37 25.43 -5.79
C ARG A 905 -19.40 26.22 -7.10
N THR A 906 -18.29 26.88 -7.41
CA THR A 906 -18.20 27.83 -8.50
C THR A 906 -17.67 27.21 -9.79
N GLY A 907 -16.72 26.29 -9.69
CA GLY A 907 -16.01 25.78 -10.83
C GLY A 907 -14.71 26.49 -11.13
N ALA A 908 -14.54 27.71 -10.64
CA ALA A 908 -13.35 28.48 -10.93
C ALA A 908 -12.12 27.82 -10.30
N PRO A 909 -10.97 27.93 -10.95
CA PRO A 909 -9.74 27.38 -10.36
C PRO A 909 -9.25 28.27 -9.22
N GLY A 910 -8.44 27.68 -8.35
CA GLY A 910 -7.99 28.39 -7.19
C GLY A 910 -6.66 27.92 -6.64
N ILE A 911 -6.28 28.45 -5.49
CA ILE A 911 -4.98 28.20 -4.88
C ILE A 911 -5.18 27.82 -3.43
N ARG A 912 -4.44 26.80 -2.97
CA ARG A 912 -4.48 26.44 -1.56
C ARG A 912 -3.71 27.48 -0.74
N CYS A 913 -4.36 28.02 0.28
CA CYS A 913 -3.80 29.08 1.09
C CYS A 913 -3.74 28.69 2.56
N ARG A 914 -2.94 29.46 3.31
CA ARG A 914 -2.92 29.41 4.76
C ARG A 914 -3.34 30.76 5.30
N ARG A 915 -3.78 30.78 6.55
CA ARG A 915 -4.13 32.02 7.22
C ARG A 915 -3.16 32.27 8.37
N VAL A 916 -2.79 33.53 8.54
CA VAL A 916 -1.77 33.90 9.53
C VAL A 916 -2.30 33.61 10.93
N PRO A 917 -1.56 32.87 11.76
CA PRO A 917 -2.01 32.64 13.14
C PRO A 917 -1.77 33.84 14.04
N ALA A 918 -2.71 34.03 14.97
CA ALA A 918 -2.66 35.17 15.87
C ALA A 918 -1.44 35.15 16.78
N ARG A 919 -0.77 33.99 16.93
CA ARG A 919 0.46 33.94 17.72
C ARG A 919 1.50 34.92 17.22
N CYS A 920 1.52 35.21 15.92
CA CYS A 920 2.56 36.01 15.32
C CYS A 920 2.18 37.48 15.17
N THR A 921 0.92 37.83 15.47
CA THR A 921 0.46 39.21 15.34
C THR A 921 0.14 39.88 16.66
N GLN A 922 -0.03 39.10 17.73
CA GLN A 922 -0.26 39.68 19.05
C GLN A 922 0.96 40.49 19.49
N GLU A 923 0.72 41.69 20.00
CA GLU A 923 1.82 42.58 20.33
C GLU A 923 2.55 42.15 21.59
N HIS A 924 1.90 41.42 22.49
CA HIS A 924 2.50 40.99 23.75
C HIS A 924 3.18 39.63 23.53
N ASN A 925 4.51 39.65 23.37
CA ASN A 925 5.33 38.48 23.19
C ASN A 925 4.90 37.70 21.94
N PRO A 926 5.23 38.19 20.75
CA PRO A 926 4.84 37.48 19.53
C PRO A 926 5.72 36.27 19.26
N GLU A 927 5.12 35.25 18.69
CA GLU A 927 5.88 34.05 18.37
C GLU A 927 6.45 34.13 16.96
N PRO A 928 7.60 33.50 16.72
CA PRO A 928 8.25 33.63 15.41
C PRO A 928 7.36 33.16 14.27
N PHE A 929 7.68 33.64 13.07
CA PHE A 929 6.93 33.24 11.88
C PHE A 929 7.23 31.78 11.54
N PRO A 930 6.24 31.04 11.03
CA PRO A 930 6.51 29.66 10.57
C PRO A 930 7.35 29.64 9.31
N TRP A 931 7.56 28.45 8.74
CA TRP A 931 8.39 28.36 7.54
C TRP A 931 7.69 29.00 6.35
N TRP A 932 6.40 28.72 6.17
CA TRP A 932 5.70 29.19 4.97
C TRP A 932 5.49 30.70 4.98
N LEU A 933 5.28 31.29 6.16
CA LEU A 933 5.16 32.74 6.23
C LEU A 933 6.48 33.42 5.92
N ASN A 934 7.60 32.79 6.29
CA ASN A 934 8.91 33.34 5.97
C ASN A 934 9.15 33.32 4.46
N LYS A 935 8.93 32.17 3.82
CA LYS A 935 9.15 32.08 2.38
C LYS A 935 8.28 33.07 1.62
N PHE A 936 7.06 33.28 2.09
CA PHE A 936 6.17 34.23 1.42
C PHE A 936 6.67 35.65 1.61
N VAL A 937 7.05 36.01 2.84
CA VAL A 937 7.59 37.33 3.13
C VAL A 937 8.83 37.60 2.29
N VAL A 938 9.65 36.58 2.05
CA VAL A 938 10.89 36.78 1.31
C VAL A 938 10.63 36.98 -0.17
N GLU A 939 9.74 36.18 -0.77
CA GLU A 939 9.51 36.26 -2.21
C GLU A 939 9.10 37.66 -2.64
N HIS A 940 8.16 38.26 -1.91
CA HIS A 940 7.65 39.58 -2.22
C HIS A 940 8.27 40.68 -1.39
N THR A 941 9.24 40.36 -0.54
CA THR A 941 9.94 41.31 0.31
C THR A 941 8.95 42.20 1.08
N LEU A 942 8.33 41.58 2.08
CA LEU A 942 7.31 42.20 2.91
C LEU A 942 7.75 42.28 4.36
N ASP A 943 9.04 42.58 4.57
CA ASP A 943 9.59 42.60 5.92
C ASP A 943 9.03 43.74 6.75
N ALA A 944 8.74 44.89 6.14
CA ALA A 944 8.24 46.06 6.85
C ALA A 944 6.73 46.18 6.81
N CYS A 945 6.02 45.11 6.43
CA CYS A 945 4.58 45.19 6.28
C CYS A 945 3.89 44.42 7.40
N PRO A 946 2.97 45.05 8.13
CA PRO A 946 2.36 44.41 9.31
C PRO A 946 1.27 43.42 8.90
N LEU A 947 1.53 42.13 9.11
CA LEU A 947 0.52 41.12 8.87
C LEU A 947 -0.54 41.17 9.97
N ARG A 948 -1.80 40.93 9.58
CA ARG A 948 -2.90 40.86 10.53
C ARG A 948 -3.30 39.40 10.76
N ALA A 949 -4.08 39.19 11.82
CA ALA A 949 -4.58 37.85 12.11
C ALA A 949 -5.54 37.39 11.01
N ASP A 950 -5.44 36.11 10.65
CA ASP A 950 -6.24 35.48 9.61
C ASP A 950 -5.97 36.04 8.22
N ASP A 951 -4.80 36.65 8.01
CA ASP A 951 -4.44 37.09 6.67
C ASP A 951 -4.20 35.87 5.77
N LEU A 952 -4.83 35.86 4.60
CA LEU A 952 -4.61 34.77 3.67
C LEU A 952 -3.21 34.83 3.09
N ILE A 953 -2.52 33.70 3.11
CA ILE A 953 -1.17 33.60 2.56
C ILE A 953 -1.16 32.51 1.48
N PRO A 954 -1.13 32.88 0.20
CA PRO A 954 -1.10 31.86 -0.86
C PRO A 954 0.20 31.10 -0.87
N THR A 955 0.17 29.83 -0.47
CA THR A 955 1.35 28.98 -0.43
C THR A 955 1.30 27.83 -1.42
N GLY A 956 0.13 27.55 -2.00
CA GLY A 956 0.01 26.41 -2.89
C GLY A 956 -0.14 25.08 -2.19
N GLU A 957 -0.13 25.06 -0.86
CA GLU A 957 -0.28 23.79 -0.14
C GLU A 957 -0.94 23.96 1.21
N GLY A 958 -1.68 25.04 1.43
CA GLY A 958 -2.39 25.23 2.68
C GLY A 958 -3.65 24.41 2.77
N GLU A 959 -4.38 24.62 3.85
CA GLU A 959 -5.62 23.91 4.12
C GLU A 959 -6.86 24.71 3.79
N ILE A 960 -6.71 25.91 3.24
CA ILE A 960 -7.83 26.78 2.88
C ILE A 960 -7.79 27.00 1.37
N PHE A 961 -8.86 26.65 0.68
CA PHE A 961 -8.93 26.82 -0.76
C PHE A 961 -9.60 28.15 -1.08
N VAL A 962 -8.94 28.96 -1.90
CA VAL A 962 -9.41 30.28 -2.27
C VAL A 962 -9.54 30.34 -3.78
N SER A 963 -10.65 30.86 -4.26
CA SER A 963 -10.89 30.99 -5.70
C SER A 963 -11.50 32.35 -5.96
N PRO A 964 -11.31 32.90 -7.17
CA PRO A 964 -11.98 34.17 -7.50
C PRO A 964 -13.48 33.92 -7.68
N PHE A 965 -14.27 34.82 -7.10
CA PHE A 965 -15.72 34.68 -7.14
C PHE A 965 -16.37 35.49 -8.25
N SER A 966 -15.70 36.52 -8.76
CA SER A 966 -16.23 37.37 -9.81
C SER A 966 -15.07 38.19 -10.36
N ALA A 967 -15.39 39.09 -11.30
CA ALA A 967 -14.35 39.98 -11.81
C ALA A 967 -13.87 40.96 -10.76
N GLU A 968 -14.62 41.13 -9.67
CA GLU A 968 -14.23 42.04 -8.60
C GLU A 968 -12.87 41.64 -8.03
N GLU A 969 -11.98 42.62 -7.92
CA GLU A 969 -10.66 42.35 -7.39
C GLU A 969 -10.76 42.18 -5.89
N GLY A 970 -10.39 41.00 -5.40
CA GLY A 970 -10.50 40.67 -4.00
C GLY A 970 -11.65 39.74 -3.66
N ASP A 971 -12.66 39.66 -4.52
CA ASP A 971 -13.83 38.83 -4.27
C ASP A 971 -13.42 37.36 -4.29
N PHE A 972 -13.29 36.76 -3.11
CA PHE A 972 -12.82 35.40 -2.98
C PHE A 972 -13.91 34.51 -2.40
N HIS A 973 -13.84 33.23 -2.75
CA HIS A 973 -14.66 32.20 -2.13
C HIS A 973 -13.72 31.24 -1.43
N GLN A 974 -13.82 31.18 -0.10
CA GLN A 974 -12.88 30.44 0.74
C GLN A 974 -13.61 29.30 1.43
N ILE A 975 -12.99 28.12 1.40
CA ILE A 975 -13.60 26.92 1.97
C ILE A 975 -12.48 25.95 2.29
N HIS A 976 -12.74 25.06 3.25
CA HIS A 976 -11.74 24.07 3.64
C HIS A 976 -11.30 23.28 2.43
N ALA A 977 -9.98 23.23 2.22
CA ALA A 977 -9.45 22.61 1.01
C ALA A 977 -9.88 21.16 0.88
N ALA A 978 -9.75 20.39 1.98
CA ALA A 978 -10.12 18.98 1.94
C ALA A 978 -11.60 18.80 1.68
N LEU A 979 -12.44 19.58 2.38
CA LEU A 979 -13.87 19.51 2.12
C LEU A 979 -14.22 19.96 0.71
N ASN A 980 -13.48 20.93 0.18
CA ASN A 980 -13.72 21.37 -1.19
C ASN A 980 -13.37 20.27 -2.19
N ALA A 981 -12.31 19.51 -1.90
CA ALA A 981 -11.99 18.37 -2.75
C ALA A 981 -13.07 17.30 -2.63
N ALA A 982 -13.56 17.07 -1.41
CA ALA A 982 -14.61 16.08 -1.21
C ALA A 982 -15.87 16.45 -1.97
N GLN A 983 -16.25 17.73 -1.93
CA GLN A 983 -17.43 18.16 -2.65
C GLN A 983 -17.20 18.16 -4.16
N ASN A 984 -15.95 18.29 -4.59
CA ASN A 984 -15.65 18.19 -6.01
C ASN A 984 -15.91 16.77 -6.52
N LEU A 985 -15.47 15.76 -5.76
CA LEU A 985 -15.78 14.39 -6.11
C LEU A 985 -17.29 14.19 -6.22
N GLN A 986 -18.04 14.74 -5.27
CA GLN A 986 -19.49 14.65 -5.34
C GLN A 986 -20.02 15.32 -6.60
N GLN A 987 -19.53 16.54 -6.90
CA GLN A 987 -19.98 17.26 -8.08
C GLN A 987 -19.67 16.51 -9.36
N ARG A 988 -18.54 15.78 -9.39
CA ARG A 988 -18.18 15.01 -10.57
C ARG A 988 -19.02 13.74 -10.71
N LEU A 989 -19.55 13.22 -9.60
CA LEU A 989 -20.40 12.04 -9.67
C LEU A 989 -21.69 12.34 -10.41
N TRP A 990 -22.41 13.38 -9.99
CA TRP A 990 -23.75 13.66 -10.49
C TRP A 990 -23.74 14.30 -11.87
N SER A 991 -22.58 14.70 -12.39
CA SER A 991 -22.51 15.37 -13.68
C SER A 991 -21.76 14.56 -14.73
N ASP A 992 -21.32 13.34 -14.41
CA ASP A 992 -20.53 12.50 -15.32
C ASP A 992 -19.32 13.28 -15.83
N PHE A 993 -18.53 13.76 -14.90
CA PHE A 993 -17.42 14.65 -15.24
C PHE A 993 -16.36 13.91 -16.03
N ASP A 994 -15.80 14.60 -17.04
CA ASP A 994 -14.61 14.14 -17.74
C ASP A 994 -13.59 15.26 -17.74
N ILE A 995 -12.31 14.90 -17.58
CA ILE A 995 -11.24 15.89 -17.59
C ILE A 995 -11.26 16.73 -18.86
N SER A 996 -11.76 16.19 -19.98
CA SER A 996 -11.80 16.92 -21.24
C SER A 996 -12.64 18.19 -21.17
N GLN A 997 -13.46 18.36 -20.14
CA GLN A 997 -14.23 19.59 -19.97
C GLN A 997 -13.38 20.74 -19.46
N ILE A 998 -12.15 20.47 -19.03
CA ILE A 998 -11.37 21.42 -18.25
C ILE A 998 -9.93 21.47 -18.77
N ARG A 999 -9.41 20.34 -19.25
CA ARG A 999 -8.02 20.25 -19.67
C ARG A 999 -7.92 19.41 -20.94
N LEU A 1000 -7.03 19.81 -21.85
CA LEU A 1000 -6.90 19.16 -23.14
C LEU A 1000 -5.45 19.18 -23.59
N ARG A 1001 -4.93 18.03 -24.03
CA ARG A 1001 -3.60 17.94 -24.61
C ARG A 1001 -3.69 18.01 -26.12
N CYS A 1002 -2.85 18.83 -26.72
CA CYS A 1002 -2.95 19.12 -28.15
C CYS A 1002 -1.57 19.10 -28.78
N ASP A 1003 -1.55 18.87 -30.09
CA ASP A 1003 -0.36 18.93 -30.90
C ASP A 1003 -0.62 19.83 -32.10
N TRP A 1004 0.41 20.56 -32.52
CA TRP A 1004 0.27 21.45 -33.65
C TRP A 1004 0.15 20.67 -34.97
N GLY A 1005 -0.39 21.33 -35.98
CA GLY A 1005 -0.53 20.72 -37.28
C GLY A 1005 -1.28 21.63 -38.23
N GLU A 1006 -1.38 21.17 -39.48
CA GLU A 1006 -2.14 21.84 -40.52
C GLU A 1006 -3.48 21.14 -40.70
N VAL A 1007 -4.54 21.94 -40.83
CA VAL A 1007 -5.88 21.38 -41.04
C VAL A 1007 -6.52 22.07 -42.25
N ASP A 1008 -6.81 23.36 -42.12
CA ASP A 1008 -7.42 24.14 -43.18
C ASP A 1008 -6.48 25.25 -43.64
N GLY A 1009 -5.19 24.93 -43.74
CA GLY A 1009 -4.19 25.87 -44.19
C GLY A 1009 -3.50 26.66 -43.10
N GLU A 1010 -4.06 26.68 -41.89
CA GLU A 1010 -3.49 27.41 -40.78
C GLU A 1010 -2.96 26.47 -39.71
N LEU A 1011 -2.02 26.99 -38.93
CA LEU A 1011 -1.45 26.24 -37.81
C LEU A 1011 -2.44 26.28 -36.64
N VAL A 1012 -2.87 25.10 -36.20
CA VAL A 1012 -3.87 24.96 -35.15
C VAL A 1012 -3.44 23.86 -34.20
N LEU A 1013 -4.13 23.77 -33.07
CA LEU A 1013 -3.88 22.73 -32.08
C LEU A 1013 -4.86 21.58 -32.30
N ILE A 1014 -4.34 20.39 -32.50
CA ILE A 1014 -5.15 19.20 -32.72
C ILE A 1014 -5.23 18.43 -31.40
N PRO A 1015 -6.39 18.38 -30.75
CA PRO A 1015 -6.46 17.74 -29.44
C PRO A 1015 -6.26 16.23 -29.53
N ARG A 1016 -5.50 15.71 -28.58
CA ARG A 1016 -5.30 14.26 -28.48
C ARG A 1016 -6.59 13.58 -28.04
N LEU A 1017 -6.99 12.55 -28.77
CA LEU A 1017 -8.22 11.82 -28.48
C LEU A 1017 -7.91 10.71 -27.48
N THR A 1018 -8.24 10.95 -26.21
CA THR A 1018 -8.00 10.01 -25.12
C THR A 1018 -9.34 9.64 -24.50
N GLY A 1019 -9.78 8.40 -24.72
CA GLY A 1019 -11.07 7.96 -24.25
C GLY A 1019 -12.21 8.40 -25.16
N LYS A 1020 -13.32 7.68 -25.04
CA LYS A 1020 -14.46 7.94 -25.91
C LYS A 1020 -15.08 9.31 -25.65
N ARG A 1021 -14.93 9.84 -24.44
CA ARG A 1021 -15.53 11.14 -24.13
C ARG A 1021 -14.78 12.29 -24.79
N THR A 1022 -13.45 12.26 -24.78
CA THR A 1022 -12.69 13.26 -25.50
C THR A 1022 -12.96 13.17 -27.00
N ALA A 1023 -13.08 11.95 -27.52
CA ALA A 1023 -13.39 11.79 -28.93
C ALA A 1023 -14.82 12.22 -29.26
N ASP A 1024 -15.76 12.02 -28.33
CA ASP A 1024 -17.14 12.39 -28.61
C ASP A 1024 -17.33 13.89 -28.76
N SER A 1025 -16.45 14.68 -28.15
CA SER A 1025 -16.61 16.12 -28.12
C SER A 1025 -15.65 16.88 -29.03
N TYR A 1026 -14.38 16.49 -29.08
CA TYR A 1026 -13.36 17.30 -29.73
C TYR A 1026 -12.70 16.62 -30.93
N SER A 1027 -13.22 15.49 -31.39
CA SER A 1027 -12.63 14.84 -32.55
C SER A 1027 -12.72 15.73 -33.80
N ASN A 1028 -13.92 16.21 -34.09
CA ASN A 1028 -14.16 17.04 -35.26
C ASN A 1028 -13.79 18.50 -35.06
N LYS A 1029 -13.04 18.83 -34.01
CA LYS A 1029 -12.79 20.21 -33.63
C LYS A 1029 -11.29 20.46 -33.49
N VAL A 1030 -10.91 21.73 -33.67
CA VAL A 1030 -9.51 22.14 -33.65
C VAL A 1030 -9.45 23.57 -33.11
N PHE A 1031 -8.30 23.94 -32.54
CA PHE A 1031 -8.16 25.19 -31.80
C PHE A 1031 -7.17 26.13 -32.49
N TYR A 1032 -7.56 27.38 -32.67
CA TYR A 1032 -6.73 28.39 -33.30
C TYR A 1032 -6.45 29.54 -32.35
N THR A 1033 -5.50 30.40 -32.74
CA THR A 1033 -5.03 31.49 -31.89
C THR A 1033 -4.69 32.70 -32.74
N ASN A 1034 -4.66 33.86 -32.07
CA ASN A 1034 -4.06 35.06 -32.61
C ASN A 1034 -2.88 35.55 -31.79
N THR A 1035 -2.71 35.05 -30.55
CA THR A 1035 -1.69 35.53 -29.64
C THR A 1035 -0.84 34.43 -29.02
N GLY A 1036 -1.28 33.17 -29.05
CA GLY A 1036 -0.53 32.08 -28.48
C GLY A 1036 -0.93 31.72 -27.06
N VAL A 1037 -1.86 32.45 -26.45
CA VAL A 1037 -2.28 32.22 -25.08
C VAL A 1037 -3.73 31.76 -24.99
N THR A 1038 -4.62 32.37 -25.78
CA THR A 1038 -6.06 32.12 -25.68
C THR A 1038 -6.56 31.47 -26.96
N TYR A 1039 -7.04 30.24 -26.86
CA TYR A 1039 -7.42 29.43 -28.00
C TYR A 1039 -8.94 29.35 -28.14
N TYR A 1040 -9.39 29.17 -29.39
CA TYR A 1040 -10.80 29.10 -29.74
C TYR A 1040 -11.03 27.92 -30.68
N GLU A 1041 -12.23 27.34 -30.60
CA GLU A 1041 -12.52 26.12 -31.35
C GLU A 1041 -12.94 26.40 -32.78
N ARG A 1042 -12.57 25.49 -33.68
CA ARG A 1042 -13.04 25.45 -35.06
C ARG A 1042 -13.81 24.15 -35.28
N GLU A 1043 -14.12 23.85 -36.53
CA GLU A 1043 -14.97 22.71 -36.87
C GLU A 1043 -14.48 22.01 -38.14
N ARG A 1044 -13.23 21.54 -38.13
CA ARG A 1044 -12.70 20.82 -39.27
C ARG A 1044 -11.93 19.55 -38.94
N GLY A 1045 -11.53 19.33 -37.69
CA GLY A 1045 -10.83 18.10 -37.31
C GLY A 1045 -9.45 17.94 -37.94
N ARG A 1072 5.93 23.94 -33.94
CA ARG A 1072 6.80 23.37 -32.92
C ARG A 1072 6.69 21.85 -32.90
N GLU A 1073 7.29 21.23 -31.88
CA GLU A 1073 7.31 19.77 -31.74
C GLU A 1073 6.72 19.27 -30.43
N LYS A 1074 6.74 20.08 -29.37
CA LYS A 1074 6.16 19.68 -28.10
C LYS A 1074 4.65 19.91 -28.10
N SER A 1075 3.97 19.18 -27.22
CA SER A 1075 2.52 19.32 -27.09
C SER A 1075 2.17 20.53 -26.24
N VAL A 1076 0.93 20.97 -26.36
CA VAL A 1076 0.40 22.12 -25.64
C VAL A 1076 -0.80 21.67 -24.83
N VAL A 1077 -0.83 22.05 -23.55
CA VAL A 1077 -1.95 21.74 -22.67
C VAL A 1077 -2.81 22.98 -22.53
N LEU A 1078 -4.09 22.85 -22.87
CA LEU A 1078 -5.06 23.94 -22.76
C LEU A 1078 -5.93 23.72 -21.53
N ARG A 1080 -9.20 25.53 -18.94
CA ARG A 1080 -10.46 26.22 -19.15
C ARG A 1080 -11.12 26.45 -17.80
N ASP A 1081 -11.63 27.66 -17.59
CA ASP A 1081 -12.37 27.99 -16.37
C ASP A 1081 -13.86 27.80 -16.59
N PRO A 1082 -14.45 26.71 -16.08
CA PRO A 1082 -15.88 26.49 -16.32
C PRO A 1082 -16.77 27.60 -15.80
N SER A 1083 -16.30 28.36 -14.82
CA SER A 1083 -17.07 29.49 -14.29
C SER A 1083 -16.98 30.74 -15.15
N GLY A 1084 -16.10 30.75 -16.15
CA GLY A 1084 -15.94 31.93 -16.97
C GLY A 1084 -15.36 33.13 -16.26
N ILE A 1085 -14.70 32.91 -15.11
CA ILE A 1085 -14.16 34.04 -14.37
C ILE A 1085 -12.77 34.40 -14.86
N ILE A 1086 -11.96 33.39 -15.17
CA ILE A 1086 -10.58 33.59 -15.58
C ILE A 1086 -10.49 33.42 -17.08
N ASN A 1087 -10.08 34.50 -17.75
CA ASN A 1087 -10.00 34.57 -19.21
C ASN A 1087 -11.35 34.23 -19.85
N ARG A 1088 -12.44 34.67 -19.21
CA ARG A 1088 -13.80 34.43 -19.68
C ARG A 1088 -14.06 32.97 -20.01
N GLY A 1089 -13.35 32.06 -19.32
CA GLY A 1089 -13.51 30.65 -19.55
C GLY A 1089 -13.07 30.18 -20.92
N ASN A 1090 -12.27 30.97 -21.64
CA ASN A 1090 -11.71 30.52 -22.90
C ASN A 1090 -10.56 29.54 -22.66
N TRP A 1091 -10.29 28.72 -23.67
CA TRP A 1091 -9.17 27.79 -23.59
C TRP A 1091 -7.86 28.57 -23.54
N THR A 1092 -7.08 28.33 -22.50
CA THR A 1092 -5.85 29.07 -22.25
C THR A 1092 -4.70 28.08 -22.09
N ARG A 1093 -3.51 28.46 -22.53
CA ARG A 1093 -2.33 27.66 -22.30
C ARG A 1093 -2.12 27.49 -20.80
N GLN A 1094 -1.67 26.29 -20.41
CA GLN A 1094 -1.61 25.94 -19.00
C GLN A 1094 -0.75 26.92 -18.21
N LYS A 1095 0.39 27.33 -18.77
CA LYS A 1095 1.31 28.22 -18.05
C LYS A 1095 0.63 29.54 -17.70
N GLU A 1096 0.13 30.25 -18.72
CA GLU A 1096 -0.51 31.54 -18.48
C GLU A 1096 -1.81 31.39 -17.71
N PHE A 1097 -2.52 30.27 -17.89
CA PHE A 1097 -3.78 30.06 -17.18
C PHE A 1097 -3.56 30.11 -15.67
N TRP A 1098 -2.60 29.35 -15.16
CA TRP A 1098 -2.38 29.31 -13.72
C TRP A 1098 -1.67 30.56 -13.19
N SER A 1099 -1.12 31.41 -14.06
CA SER A 1099 -0.59 32.66 -13.57
C SER A 1099 -1.67 33.73 -13.47
N VAL A 1101 -4.68 32.87 -12.53
CA VAL A 1101 -5.18 32.44 -11.24
C VAL A 1101 -4.33 33.00 -10.12
N ASN A 1102 -3.00 32.97 -10.30
CA ASN A 1102 -2.11 33.50 -9.28
C ASN A 1102 -2.26 35.01 -9.13
N GLN A 1103 -2.38 35.73 -10.24
CA GLN A 1103 -2.47 37.19 -10.17
C GLN A 1103 -3.73 37.64 -9.46
N ARG A 1104 -4.86 36.98 -9.71
CA ARG A 1104 -6.10 37.43 -9.11
C ARG A 1104 -6.22 37.07 -7.64
N ILE A 1105 -5.38 36.17 -7.14
CA ILE A 1105 -5.35 35.81 -5.72
C ILE A 1105 -4.07 36.31 -5.05
N GLU A 1106 -2.91 35.80 -5.47
CA GLU A 1106 -1.66 36.21 -4.83
C GLU A 1106 -1.31 37.65 -5.15
N GLY A 1107 -1.47 38.06 -6.42
CA GLY A 1107 -1.15 39.43 -6.78
C GLY A 1107 -1.99 40.45 -6.04
N TYR A 1108 -3.24 40.10 -5.71
CA TYR A 1108 -4.09 41.01 -4.96
C TYR A 1108 -3.71 41.04 -3.49
N LEU A 1109 -3.48 39.86 -2.89
CA LEU A 1109 -3.13 39.81 -1.47
C LEU A 1109 -1.82 40.52 -1.19
N VAL A 1110 -0.86 40.42 -2.12
CA VAL A 1110 0.42 41.09 -1.94
C VAL A 1110 0.26 42.60 -2.10
N LYS A 1111 -0.50 43.04 -3.11
CA LYS A 1111 -0.70 44.47 -3.31
C LYS A 1111 -1.40 45.12 -2.12
N GLN A 1112 -2.30 44.39 -1.47
CA GLN A 1112 -3.02 44.99 -0.35
C GLN A 1112 -2.19 44.97 0.93
N ILE A 1113 -1.30 44.01 1.09
CA ILE A 1113 -0.41 44.01 2.25
C ILE A 1113 0.58 45.15 2.15
N ARG A 1114 1.07 45.44 0.94
CA ARG A 1114 2.02 46.54 0.76
C ARG A 1114 1.43 47.90 1.12
N SER A 1115 0.13 47.99 1.39
CA SER A 1115 -0.48 49.26 1.78
C SER A 1115 -1.13 49.18 3.17
#